data_9OCO
#
_entry.id   9OCO
#
_cell.length_a   1.00
_cell.length_b   1.00
_cell.length_c   1.00
_cell.angle_alpha   90.00
_cell.angle_beta   90.00
_cell.angle_gamma   90.00
#
_symmetry.space_group_name_H-M   'P 1'
#
loop_
_entity.id
_entity.type
_entity.pdbx_description
1 polymer VP1
2 polymer VP2
3 polymer VP3
4 polymer VP4
5 polymer '2E1 Heavy Chain'
6 polymer '2E1 Light Chain'
7 non-polymer 'PALMITIC ACID'
#
loop_
_entity_poly.entity_id
_entity_poly.type
_entity_poly.pdbx_seq_one_letter_code
_entity_poly.pdbx_strand_id
1 'polypeptide(L)'
;GIEDLISEVAQGALTLSLPKQQDSLPDTKASGPAHSKEVPALTAVETGATNPLAPSDTVQTRHVVQRRSRSESTIESFFA
RGACVAIIEVDNEQPTTRAQKLFAMWRITYKDTVQLRRKLEFFTYSRFDMEFTFVVTANFTNANNGHALNQVYQIMYIPP
GAPTPKSWDDYTWQTSSNPSIFYTYGAAPARISVPYVGLANAYSHFYDGFAKVPLKTDANDQIGDSLYSAMTVDDFGVLA
VRVVNDHNPTKVTSKVRIYMKPKHVRVWCPRPPRAVPYYGPGVDYRNNLDPLSEKGLTTY
;
1
2 'polypeptide(L)'
;SPNVEACGYSDRVLQLTLGNSTITTQEAANSVVAYGRWPEFIRDDEANPVDQPTEPDVATCRFYTLDTVMWGKESKGWWW
KLPDALRDMGLFGQNMYYHYLGRSGYTVHVQCNASKFHQGALGVFAIPEYCLAGDSDKQRYTSYANANPGERGGKFYSQF
NKDNAVTSPKREFCPVDYLLGCGVLLGNAFVYPHQIINLRTNNSATIVLPYVNALAIDSMVKHNNWGIAILPLSPLDFAQ
DSSVEIPITVTIAPMCSEFNGLRNVTAPKFQ
;
2
3 'polypeptide(L)'
;GLPVLNTPGSNQYLTSDNHQSPCAIPEFDVTPPIDIPGEVKNMMELAEIDTMIPLNLESTKRNTMDMYRVTLSDSADLSQ
PILCLSLSPAFDPRLSHTMLGEVLNYYTHWAGSLKFTFLFCGSMMATGKILVAYAPPGAQPPTSRKEAMLGTHVIWDLGL
QSSCTMVVPWISNVTYRQTTQDSFTEGGYISMFYQTRIVVPLSTPKSMSMLGFVSACNDFSVRLLRDTTHISQSALPQ
;
3
4 'polypeptide(L)' GAQVSSQKVGAHENSNRAYGGSTINYTTINYYKDSASNAASKQDYSQDPSKFTEPLKDVLIKTAPALN 4
5 'polypeptide(L)'
;EVQLVQSGAEVKKSGESLKISCKASGYHFTSYWIGWVRQMPGKGLEWMGFIYPGDSDTRYGPSFQGQVSISADKSSSTAY
LQWSRLKASDTAMYFCARHGGFASSLYSSSFRPPDYWGQGTLVTVSS
;
H
6 'polypeptide(L)'
;NFMLTQPHSVSESPGKTVTISCTRSSGSIASSYVQWYQQRPGSSPTTVIYEDNQRPSGVPDRFSGSIDSSSNSASLIISG
LKTEDEADYYCQSYDSSNQVFGGGTKLTVL
;
L
#
loop_
_chem_comp.id
_chem_comp.type
_chem_comp.name
_chem_comp.formula
PLM non-polymer 'PALMITIC ACID' 'C16 H32 O2'
#
# COMPACT_ATOMS: atom_id res chain seq x y z
N ASP A 23 12.60 -17.70 -28.10
CA ASP A 23 12.83 -17.80 -26.63
C ASP A 23 14.11 -17.07 -26.21
N SER A 24 15.12 -17.11 -27.08
CA SER A 24 16.38 -16.43 -26.81
C SER A 24 16.30 -14.96 -27.23
N LEU A 25 17.22 -14.17 -26.69
CA LEU A 25 17.24 -12.75 -26.99
C LEU A 25 17.79 -12.50 -28.39
N PRO A 26 17.47 -11.35 -28.98
CA PRO A 26 17.92 -11.08 -30.35
C PRO A 26 19.43 -10.97 -30.43
N ASP A 27 19.97 -11.36 -31.58
CA ASP A 27 21.40 -11.33 -31.81
C ASP A 27 21.88 -9.88 -31.95
N THR A 28 23.20 -9.72 -32.02
CA THR A 28 23.83 -8.43 -32.23
C THR A 28 24.34 -8.35 -33.66
N LYS A 29 23.96 -7.29 -34.38
CA LYS A 29 24.33 -7.13 -35.77
C LYS A 29 25.65 -6.39 -35.87
N ALA A 30 26.49 -6.83 -36.82
CA ALA A 30 27.75 -6.15 -37.08
C ALA A 30 27.49 -4.76 -37.64
N SER A 31 28.30 -3.79 -37.21
CA SER A 31 28.17 -2.41 -37.66
C SER A 31 29.54 -1.87 -38.03
N GLY A 32 29.55 -0.92 -38.96
CA GLY A 32 30.77 -0.30 -39.41
C GLY A 32 30.78 1.20 -39.18
N PRO A 33 31.77 1.89 -39.73
CA PRO A 33 31.82 3.34 -39.58
C PRO A 33 30.58 4.00 -40.17
N ALA A 34 30.15 5.08 -39.52
CA ALA A 34 28.95 5.80 -39.93
C ALA A 34 29.29 7.27 -40.14
N HIS A 35 28.83 7.82 -41.26
CA HIS A 35 28.94 9.25 -41.54
C HIS A 35 27.70 9.62 -42.36
N SER A 36 26.65 10.06 -41.66
CA SER A 36 25.33 10.14 -42.26
C SER A 36 24.56 11.31 -41.68
N LYS A 37 23.50 11.69 -42.40
CA LYS A 37 22.61 12.76 -41.97
C LYS A 37 21.61 12.31 -40.91
N GLU A 38 21.51 11.00 -40.65
CA GLU A 38 20.58 10.48 -39.66
C GLU A 38 21.30 10.27 -38.34
N VAL A 39 20.73 10.83 -37.27
CA VAL A 39 21.39 10.87 -35.96
C VAL A 39 20.53 10.14 -34.93
N PRO A 40 20.76 8.86 -34.67
CA PRO A 40 19.97 8.17 -33.65
C PRO A 40 20.36 8.53 -32.22
N ALA A 41 21.57 9.06 -32.00
CA ALA A 41 22.00 9.37 -30.64
C ALA A 41 21.11 10.44 -30.02
N LEU A 42 20.83 11.50 -30.77
CA LEU A 42 20.01 12.59 -30.25
C LEU A 42 18.54 12.17 -30.19
N THR A 43 17.84 12.68 -29.18
CA THR A 43 16.43 12.37 -28.98
C THR A 43 15.80 13.50 -28.18
N ALA A 44 14.58 13.27 -27.69
CA ALA A 44 13.88 14.27 -26.88
C ALA A 44 12.98 13.49 -25.91
N VAL A 45 13.43 13.39 -24.66
CA VAL A 45 12.64 12.69 -23.64
C VAL A 45 11.35 13.41 -23.31
N GLU A 46 11.21 14.66 -23.73
CA GLU A 46 9.97 15.39 -23.47
C GLU A 46 8.76 14.67 -24.06
N THR A 47 8.96 13.93 -25.15
CA THR A 47 7.85 13.22 -25.77
C THR A 47 7.29 12.13 -24.86
N GLY A 48 8.04 11.73 -23.83
CA GLY A 48 7.59 10.66 -22.97
C GLY A 48 7.91 9.27 -23.49
N ALA A 49 8.91 9.14 -24.35
CA ALA A 49 9.30 7.86 -24.92
C ALA A 49 10.77 7.60 -24.65
N THR A 50 11.13 6.32 -24.62
CA THR A 50 12.50 5.89 -24.37
C THR A 50 13.17 5.56 -25.70
N ASN A 51 14.31 6.19 -25.96
CA ASN A 51 15.02 6.00 -27.22
C ASN A 51 15.46 4.55 -27.34
N PRO A 52 14.87 3.77 -28.26
CA PRO A 52 15.17 2.33 -28.32
C PRO A 52 16.46 2.03 -29.07
N LEU A 53 17.58 2.51 -28.53
CA LEU A 53 18.87 2.30 -29.17
C LEU A 53 19.42 0.91 -28.83
N ALA A 54 20.40 0.50 -29.63
CA ALA A 54 21.16 -0.72 -29.44
C ALA A 54 22.63 -0.37 -29.57
N PRO A 55 23.52 -1.19 -29.01
CA PRO A 55 24.95 -0.83 -29.05
C PRO A 55 25.48 -0.62 -30.45
N SER A 56 24.87 -1.25 -31.46
CA SER A 56 25.33 -1.08 -32.83
C SER A 56 25.02 0.30 -33.39
N ASP A 57 24.20 1.10 -32.70
CA ASP A 57 23.84 2.42 -33.20
C ASP A 57 24.79 3.53 -32.74
N THR A 58 25.78 3.22 -31.91
CA THR A 58 26.67 4.24 -31.40
C THR A 58 28.13 3.85 -31.55
N VAL A 59 28.42 2.55 -31.58
CA VAL A 59 29.78 2.04 -31.69
C VAL A 59 29.80 0.88 -32.68
N GLN A 60 30.98 0.59 -33.20
CA GLN A 60 31.17 -0.56 -34.06
C GLN A 60 31.04 -1.84 -33.26
N THR A 61 30.35 -2.84 -33.83
CA THR A 61 30.06 -4.07 -33.13
C THR A 61 30.32 -5.27 -34.05
N ARG A 62 30.52 -6.42 -33.43
CA ARG A 62 30.71 -7.68 -34.12
C ARG A 62 29.43 -8.52 -34.04
N HIS A 63 29.32 -9.49 -34.94
CA HIS A 63 28.19 -10.39 -34.92
C HIS A 63 28.30 -11.36 -33.75
N VAL A 64 27.26 -11.41 -32.93
CA VAL A 64 27.22 -12.29 -31.77
C VAL A 64 25.88 -13.02 -31.76
N VAL A 65 25.93 -14.35 -31.80
CA VAL A 65 24.71 -15.14 -31.66
C VAL A 65 24.35 -15.19 -30.18
N GLN A 66 23.16 -14.71 -29.85
CA GLN A 66 22.75 -14.55 -28.46
C GLN A 66 21.99 -15.78 -28.00
N ARG A 67 22.38 -16.32 -26.86
CA ARG A 67 21.75 -17.50 -26.30
C ARG A 67 21.17 -17.26 -24.91
N ARG A 68 21.40 -16.09 -24.31
CA ARG A 68 20.79 -15.76 -23.04
C ARG A 68 19.29 -15.54 -23.21
N SER A 69 18.54 -15.90 -22.17
CA SER A 69 17.08 -15.86 -22.22
C SER A 69 16.54 -15.19 -20.96
N ARG A 70 15.30 -14.71 -21.07
CA ARG A 70 14.61 -14.05 -19.97
C ARG A 70 13.61 -14.98 -19.29
N SER A 71 13.90 -16.28 -19.24
CA SER A 71 12.96 -17.22 -18.65
C SER A 71 12.79 -17.02 -17.16
N GLU A 72 13.83 -16.53 -16.47
CA GLU A 72 13.78 -16.35 -15.04
C GLU A 72 13.01 -15.10 -14.63
N SER A 73 12.81 -14.16 -15.54
CA SER A 73 12.22 -12.88 -15.23
C SER A 73 10.71 -12.83 -15.44
N THR A 74 10.10 -13.91 -15.93
CA THR A 74 8.67 -13.91 -16.16
C THR A 74 7.92 -13.71 -14.86
N ILE A 75 6.64 -13.34 -14.98
CA ILE A 75 5.84 -13.09 -13.78
C ILE A 75 5.70 -14.36 -12.96
N GLU A 76 5.42 -15.49 -13.61
CA GLU A 76 5.32 -16.75 -12.88
C GLU A 76 6.61 -17.05 -12.12
N SER A 77 7.76 -16.94 -12.80
CA SER A 77 9.03 -17.20 -12.13
C SER A 77 9.27 -16.21 -11.00
N PHE A 78 8.91 -14.94 -11.22
CA PHE A 78 9.12 -13.93 -10.19
C PHE A 78 8.32 -14.23 -8.93
N PHE A 79 7.07 -14.68 -9.10
CA PHE A 79 6.19 -14.91 -7.96
C PHE A 79 6.13 -16.37 -7.53
N ALA A 80 6.91 -17.26 -8.15
CA ALA A 80 6.85 -18.68 -7.85
C ALA A 80 7.70 -19.00 -6.62
N ARG A 81 7.25 -18.48 -5.48
CA ARG A 81 7.89 -18.74 -4.21
C ARG A 81 6.84 -18.66 -3.11
N GLY A 82 7.07 -19.40 -2.03
CA GLY A 82 6.21 -19.34 -0.87
C GLY A 82 6.80 -18.43 0.17
N ALA A 83 6.01 -17.46 0.62
CA ALA A 83 6.46 -16.44 1.57
C ALA A 83 5.60 -16.49 2.82
N CYS A 84 6.24 -16.47 3.98
CA CYS A 84 5.50 -16.45 5.24
C CYS A 84 4.68 -15.19 5.34
N VAL A 85 3.44 -15.33 5.82
CA VAL A 85 2.55 -14.19 5.95
C VAL A 85 1.94 -14.07 7.34
N ALA A 86 2.01 -15.09 8.19
CA ALA A 86 1.42 -14.99 9.52
C ALA A 86 2.05 -16.04 10.43
N ILE A 87 1.94 -15.80 11.73
CA ILE A 87 2.40 -16.74 12.76
C ILE A 87 1.32 -16.77 13.83
N ILE A 88 0.57 -17.86 13.89
CA ILE A 88 -0.56 -18.00 14.80
C ILE A 88 -0.14 -18.92 15.94
N GLU A 89 -0.41 -18.49 17.17
CA GLU A 89 -0.03 -19.24 18.36
C GLU A 89 -1.28 -19.72 19.08
N VAL A 90 -1.31 -21.01 19.45
CA VAL A 90 -2.39 -21.59 20.21
C VAL A 90 -1.79 -22.46 21.31
N ASP A 91 -2.60 -22.75 22.32
CA ASP A 91 -2.18 -23.50 23.48
C ASP A 91 -3.14 -24.64 23.74
N ASN A 92 -2.66 -25.65 24.46
CA ASN A 92 -3.45 -26.82 24.85
C ASN A 92 -3.34 -26.94 26.37
N GLU A 93 -4.34 -26.43 27.09
CA GLU A 93 -4.32 -26.43 28.54
C GLU A 93 -5.74 -26.43 29.05
N GLN A 94 -5.88 -26.63 30.36
CA GLN A 94 -7.20 -26.58 30.98
C GLN A 94 -7.78 -25.17 30.82
N PRO A 95 -9.06 -25.04 30.48
CA PRO A 95 -9.61 -23.72 30.14
C PRO A 95 -9.82 -22.79 31.33
N THR A 96 -9.33 -23.15 32.52
CA THR A 96 -9.50 -22.30 33.68
C THR A 96 -8.27 -22.29 34.59
N THR A 97 -7.07 -22.42 34.02
CA THR A 97 -5.85 -22.50 34.81
C THR A 97 -4.92 -21.32 34.58
N ARG A 98 -4.68 -20.92 33.33
CA ARG A 98 -3.74 -19.86 33.03
C ARG A 98 -4.34 -18.90 32.00
N ALA A 99 -3.51 -18.01 31.46
CA ALA A 99 -3.97 -17.10 30.41
C ALA A 99 -4.55 -17.92 29.27
N GLN A 100 -5.87 -17.83 29.07
CA GLN A 100 -6.57 -18.70 28.15
C GLN A 100 -6.50 -18.11 26.76
N LYS A 101 -5.62 -18.66 25.93
CA LYS A 101 -5.49 -18.32 24.52
C LYS A 101 -5.38 -19.59 23.69
N LEU A 102 -6.30 -20.53 23.94
CA LEU A 102 -6.22 -21.85 23.36
C LEU A 102 -7.04 -21.98 22.06
N PHE A 103 -7.31 -20.87 21.38
CA PHE A 103 -7.76 -20.92 19.99
C PHE A 103 -7.67 -19.53 19.39
N ALA A 104 -7.10 -19.44 18.19
CA ALA A 104 -6.83 -18.17 17.54
C ALA A 104 -7.74 -17.98 16.34
N MET A 105 -7.71 -16.78 15.78
CA MET A 105 -8.55 -16.44 14.62
C MET A 105 -7.83 -15.33 13.85
N TRP A 106 -7.19 -15.71 12.75
CA TRP A 106 -6.30 -14.81 12.01
C TRP A 106 -7.05 -14.18 10.84
N ARG A 107 -6.88 -12.88 10.68
CA ARG A 107 -7.49 -12.14 9.58
C ARG A 107 -6.67 -12.37 8.31
N ILE A 108 -7.30 -12.92 7.28
CA ILE A 108 -6.57 -13.26 6.06
C ILE A 108 -6.12 -11.98 5.37
N THR A 109 -4.82 -11.82 5.23
CA THR A 109 -4.25 -10.64 4.57
C THR A 109 -2.76 -10.87 4.38
N TYR A 110 -2.22 -10.29 3.30
CA TYR A 110 -0.81 -10.37 3.00
C TYR A 110 -0.02 -9.16 3.48
N LYS A 111 -0.67 -8.27 4.23
CA LYS A 111 -0.05 -7.03 4.67
C LYS A 111 0.59 -7.14 6.04
N ASP A 112 0.57 -8.32 6.67
CA ASP A 112 1.23 -8.50 7.95
C ASP A 112 2.74 -8.55 7.84
N THR A 113 3.27 -8.86 6.65
CA THR A 113 4.70 -8.87 6.39
C THR A 113 5.02 -7.84 5.32
N VAL A 114 6.30 -7.75 4.96
CA VAL A 114 6.77 -6.71 4.07
C VAL A 114 7.26 -7.27 2.73
N GLN A 115 7.87 -8.45 2.70
CA GLN A 115 8.51 -8.92 1.47
C GLN A 115 7.49 -9.22 0.38
N LEU A 116 6.51 -10.07 0.68
CA LEU A 116 5.50 -10.41 -0.33
C LEU A 116 4.66 -9.18 -0.67
N ARG A 117 4.37 -8.35 0.33
CA ARG A 117 3.61 -7.13 0.05
C ARG A 117 4.34 -6.24 -0.95
N ARG A 118 5.64 -6.03 -0.74
CA ARG A 118 6.40 -5.21 -1.66
C ARG A 118 6.47 -5.83 -3.04
N LYS A 119 6.65 -7.15 -3.11
CA LYS A 119 6.68 -7.81 -4.42
C LYS A 119 5.35 -7.63 -5.15
N LEU A 120 4.23 -7.78 -4.45
CA LEU A 120 2.94 -7.64 -5.10
C LEU A 120 2.68 -6.20 -5.52
N GLU A 121 3.13 -5.23 -4.71
CA GLU A 121 2.80 -3.83 -4.96
C GLU A 121 3.65 -3.22 -6.07
N PHE A 122 4.35 -4.02 -6.86
CA PHE A 122 4.92 -3.52 -8.11
C PHE A 122 3.84 -3.21 -9.14
N PHE A 123 2.60 -3.67 -8.93
CA PHE A 123 1.54 -3.57 -9.91
C PHE A 123 0.27 -3.11 -9.25
N THR A 124 -0.62 -2.49 -10.03
CA THR A 124 -1.85 -1.95 -9.48
C THR A 124 -2.93 -3.03 -9.34
N TYR A 125 -3.07 -3.88 -10.35
CA TYR A 125 -4.08 -4.93 -10.35
C TYR A 125 -3.42 -6.28 -10.63
N SER A 126 -4.02 -7.34 -10.10
CA SER A 126 -3.49 -8.67 -10.28
C SER A 126 -4.64 -9.67 -10.24
N ARG A 127 -4.37 -10.86 -10.78
CA ARG A 127 -5.39 -11.90 -10.89
C ARG A 127 -4.67 -13.25 -10.89
N PHE A 128 -4.86 -14.04 -9.83
CA PHE A 128 -4.11 -15.27 -9.70
C PHE A 128 -4.82 -16.23 -8.76
N ASP A 129 -4.53 -17.52 -8.93
CA ASP A 129 -4.84 -18.50 -7.92
C ASP A 129 -3.79 -18.44 -6.81
N MET A 130 -4.10 -19.07 -5.68
CA MET A 130 -3.21 -19.03 -4.54
C MET A 130 -3.11 -20.41 -3.90
N GLU A 131 -1.95 -20.66 -3.29
CA GLU A 131 -1.65 -21.92 -2.63
C GLU A 131 -1.20 -21.64 -1.21
N PHE A 132 -1.84 -22.30 -0.24
CA PHE A 132 -1.50 -22.13 1.17
C PHE A 132 -0.78 -23.38 1.67
N THR A 133 0.29 -23.17 2.45
CA THR A 133 1.01 -24.25 3.10
C THR A 133 1.19 -23.90 4.56
N PHE A 134 0.93 -24.87 5.43
CA PHE A 134 0.93 -24.65 6.88
C PHE A 134 2.02 -25.48 7.52
N VAL A 135 2.86 -24.83 8.32
CA VAL A 135 3.93 -25.48 9.06
C VAL A 135 3.64 -25.30 10.54
N VAL A 136 3.54 -26.41 11.27
CA VAL A 136 3.13 -26.41 12.66
C VAL A 136 4.27 -26.97 13.51
N THR A 137 4.61 -26.25 14.58
CA THR A 137 5.62 -26.68 15.52
C THR A 137 5.09 -26.51 16.94
N ALA A 138 5.53 -27.39 17.84
CA ALA A 138 5.04 -27.40 19.21
C ALA A 138 6.22 -27.56 20.16
N ASN A 139 5.98 -27.19 21.42
CA ASN A 139 7.00 -27.30 22.46
C ASN A 139 6.32 -27.33 23.82
N PHE A 140 7.05 -27.84 24.81
CA PHE A 140 6.57 -27.83 26.18
C PHE A 140 6.83 -26.48 26.83
N THR A 141 6.27 -26.30 28.02
CA THR A 141 6.49 -25.09 28.80
C THR A 141 6.84 -25.36 30.26
N ASN A 142 6.59 -26.56 30.78
CA ASN A 142 6.96 -26.92 32.14
C ASN A 142 7.53 -28.33 32.13
N ALA A 143 8.50 -28.58 33.00
CA ALA A 143 9.20 -29.86 33.05
C ALA A 143 8.69 -30.77 34.16
N ASN A 144 7.58 -30.40 34.81
CA ASN A 144 7.11 -31.18 35.95
C ASN A 144 6.74 -32.60 35.56
N ASN A 145 6.05 -32.77 34.43
CA ASN A 145 5.60 -34.09 33.98
C ASN A 145 6.34 -34.54 32.73
N GLY A 146 6.30 -33.76 31.65
CA GLY A 146 6.83 -34.22 30.39
C GLY A 146 5.96 -35.24 29.68
N HIS A 147 4.65 -35.22 29.94
CA HIS A 147 3.71 -36.16 29.34
C HIS A 147 2.80 -35.42 28.38
N ALA A 148 2.73 -35.90 27.15
CA ALA A 148 1.83 -35.32 26.15
C ALA A 148 1.79 -36.25 24.93
N LEU A 149 0.59 -36.46 24.41
CA LEU A 149 0.39 -37.31 23.25
C LEU A 149 0.27 -36.46 21.99
N ASN A 150 0.41 -37.12 20.84
CA ASN A 150 0.40 -36.42 19.56
C ASN A 150 -0.88 -35.63 19.40
N GLN A 151 -0.77 -34.40 18.91
CA GLN A 151 -1.87 -33.48 18.82
C GLN A 151 -2.38 -33.36 17.39
N VAL A 152 -3.65 -32.98 17.26
CA VAL A 152 -4.31 -32.77 15.97
C VAL A 152 -4.84 -31.35 15.93
N TYR A 153 -4.61 -30.67 14.82
CA TYR A 153 -4.97 -29.27 14.66
C TYR A 153 -6.09 -29.13 13.64
N GLN A 154 -7.04 -28.25 13.93
CA GLN A 154 -8.13 -27.92 13.01
C GLN A 154 -7.98 -26.49 12.55
N ILE A 155 -8.07 -26.27 11.23
CA ILE A 155 -7.98 -24.96 10.62
C ILE A 155 -9.23 -24.77 9.79
N MET A 156 -10.14 -23.94 10.27
CA MET A 156 -11.45 -23.74 9.64
C MET A 156 -11.50 -22.36 9.00
N TYR A 157 -11.96 -22.31 7.75
CA TYR A 157 -12.13 -21.05 7.04
C TYR A 157 -13.53 -20.52 7.25
N ILE A 158 -13.63 -19.27 7.69
CA ILE A 158 -14.91 -18.64 8.03
C ILE A 158 -15.09 -17.43 7.11
N PRO A 159 -15.81 -17.59 6.00
CA PRO A 159 -16.05 -16.46 5.11
C PRO A 159 -16.82 -15.36 5.83
N PRO A 160 -16.78 -14.13 5.31
CA PRO A 160 -17.49 -13.05 5.99
C PRO A 160 -18.97 -13.35 6.14
N GLY A 161 -19.52 -13.04 7.31
CA GLY A 161 -20.91 -13.24 7.61
C GLY A 161 -21.23 -14.55 8.29
N ALA A 162 -20.35 -15.54 8.21
CA ALA A 162 -20.59 -16.80 8.87
C ALA A 162 -20.32 -16.68 10.37
N PRO A 163 -20.98 -17.51 11.18
CA PRO A 163 -20.76 -17.41 12.64
C PRO A 163 -19.31 -17.70 12.99
N THR A 164 -18.78 -16.92 13.93
CA THR A 164 -17.40 -17.11 14.36
C THR A 164 -17.37 -17.82 15.71
N PRO A 165 -16.49 -18.80 15.92
CA PRO A 165 -16.46 -19.49 17.21
C PRO A 165 -16.11 -18.51 18.32
N LYS A 166 -16.78 -18.69 19.47
CA LYS A 166 -16.51 -17.91 20.67
C LYS A 166 -16.06 -18.79 21.82
N SER A 167 -15.94 -20.09 21.60
CA SER A 167 -15.31 -21.00 22.54
C SER A 167 -14.63 -22.10 21.73
N TRP A 168 -13.60 -22.71 22.32
CA TRP A 168 -12.83 -23.70 21.57
C TRP A 168 -13.62 -24.96 21.25
N ASP A 169 -14.80 -25.14 21.84
CA ASP A 169 -15.58 -26.35 21.63
C ASP A 169 -17.07 -26.05 21.45
N ASP A 170 -17.41 -24.90 20.89
CA ASP A 170 -18.81 -24.58 20.64
C ASP A 170 -19.28 -25.24 19.34
N TYR A 171 -20.54 -25.01 19.00
CA TYR A 171 -21.13 -25.67 17.84
C TYR A 171 -20.47 -25.23 16.53
N THR A 172 -19.84 -24.05 16.50
CA THR A 172 -19.33 -23.52 15.25
C THR A 172 -18.28 -24.43 14.63
N TRP A 173 -17.62 -25.28 15.43
CA TRP A 173 -16.56 -26.13 14.92
C TRP A 173 -17.07 -27.37 14.20
N GLN A 174 -18.39 -27.54 14.09
CA GLN A 174 -18.92 -28.66 13.33
C GLN A 174 -18.57 -28.58 11.85
N THR A 175 -18.20 -27.40 11.37
CA THR A 175 -17.75 -27.20 9.99
C THR A 175 -18.68 -27.89 8.99
N SER A 176 -19.98 -27.66 9.17
CA SER A 176 -20.96 -28.31 8.30
C SER A 176 -20.75 -27.92 6.85
N SER A 177 -20.48 -26.63 6.59
CA SER A 177 -20.24 -26.15 5.24
C SER A 177 -18.93 -25.39 5.08
N ASN A 178 -18.31 -24.93 6.16
CA ASN A 178 -17.02 -24.25 6.05
C ASN A 178 -15.92 -25.25 5.74
N PRO A 179 -15.03 -24.95 4.79
CA PRO A 179 -13.87 -25.83 4.60
C PRO A 179 -13.02 -25.89 5.85
N SER A 180 -12.44 -27.06 6.11
CA SER A 180 -11.63 -27.24 7.31
C SER A 180 -10.56 -28.29 7.04
N ILE A 181 -9.40 -28.11 7.65
CA ILE A 181 -8.27 -29.01 7.50
C ILE A 181 -7.92 -29.57 8.86
N PHE A 182 -7.80 -30.89 8.95
CA PHE A 182 -7.37 -31.57 10.16
C PHE A 182 -5.95 -32.09 9.92
N TYR A 183 -4.99 -31.49 10.60
CA TYR A 183 -3.58 -31.79 10.42
C TYR A 183 -3.03 -32.45 11.68
N THR A 184 -2.43 -33.63 11.52
CA THR A 184 -1.86 -34.36 12.64
C THR A 184 -0.38 -33.99 12.79
N TYR A 185 0.01 -33.62 14.00
CA TYR A 185 1.38 -33.18 14.23
C TYR A 185 2.37 -34.25 13.81
N GLY A 186 3.43 -33.81 13.13
CA GLY A 186 4.50 -34.70 12.70
C GLY A 186 4.42 -35.12 11.24
N ALA A 187 3.29 -34.90 10.58
CA ALA A 187 3.14 -35.28 9.19
C ALA A 187 3.67 -34.18 8.28
N ALA A 188 3.58 -34.39 6.98
CA ALA A 188 4.03 -33.39 6.03
C ALA A 188 3.16 -32.14 6.14
N PRO A 189 3.71 -30.96 5.85
CA PRO A 189 2.92 -29.74 5.99
C PRO A 189 1.64 -29.81 5.15
N ALA A 190 0.56 -29.28 5.73
CA ALA A 190 -0.72 -29.24 5.02
C ALA A 190 -0.65 -28.26 3.86
N ARG A 191 -1.49 -28.49 2.86
CA ARG A 191 -1.49 -27.65 1.67
C ARG A 191 -2.85 -27.71 1.00
N ILE A 192 -3.26 -26.58 0.43
CA ILE A 192 -4.51 -26.46 -0.32
C ILE A 192 -4.33 -25.41 -1.39
N SER A 193 -5.28 -25.35 -2.32
CA SER A 193 -5.29 -24.36 -3.39
C SER A 193 -6.64 -23.65 -3.40
N VAL A 194 -6.61 -22.38 -3.77
CA VAL A 194 -7.81 -21.56 -3.80
C VAL A 194 -7.89 -20.86 -5.16
N PRO A 195 -9.07 -20.77 -5.77
CA PRO A 195 -9.18 -20.06 -7.05
C PRO A 195 -9.19 -18.55 -6.88
N TYR A 196 -9.39 -17.82 -7.97
CA TYR A 196 -9.55 -16.37 -7.90
C TYR A 196 -10.91 -16.04 -7.30
N VAL A 197 -10.92 -15.55 -6.07
CA VAL A 197 -12.17 -15.34 -5.34
C VAL A 197 -12.47 -13.86 -5.20
N GLY A 198 -11.99 -13.05 -6.14
CA GLY A 198 -12.25 -11.62 -6.08
C GLY A 198 -13.65 -11.27 -6.53
N LEU A 199 -14.15 -10.16 -5.98
CA LEU A 199 -15.47 -9.68 -6.39
C LEU A 199 -15.41 -9.02 -7.76
N ALA A 200 -14.34 -8.30 -8.04
CA ALA A 200 -14.16 -7.63 -9.32
C ALA A 200 -13.43 -8.57 -10.28
N ASN A 201 -13.01 -8.05 -11.43
CA ASN A 201 -12.30 -8.84 -12.42
C ASN A 201 -10.80 -8.93 -12.15
N ALA A 202 -10.32 -8.30 -11.07
CA ALA A 202 -8.91 -8.38 -10.71
C ALA A 202 -8.74 -7.76 -9.32
N TYR A 203 -7.84 -8.33 -8.52
CA TYR A 203 -7.55 -7.76 -7.22
C TYR A 203 -7.01 -6.34 -7.37
N SER A 204 -7.41 -5.47 -6.47
CA SER A 204 -6.96 -4.08 -6.46
C SER A 204 -5.98 -3.90 -5.31
N HIS A 205 -4.69 -3.84 -5.64
CA HIS A 205 -3.68 -3.58 -4.61
C HIS A 205 -3.82 -2.18 -4.04
N PHE A 206 -4.26 -1.23 -4.84
CA PHE A 206 -4.49 0.14 -4.40
C PHE A 206 -5.90 0.57 -4.79
N TYR A 207 -6.56 1.27 -3.88
CA TYR A 207 -7.93 1.74 -4.10
C TYR A 207 -8.00 3.20 -3.66
N ASP A 208 -8.17 4.11 -4.61
CA ASP A 208 -8.20 5.54 -4.33
C ASP A 208 -9.66 6.00 -4.17
N GLY A 209 -10.23 5.63 -3.04
CA GLY A 209 -11.61 6.00 -2.80
C GLY A 209 -12.05 5.57 -1.41
N PHE A 210 -13.35 5.73 -1.17
CA PHE A 210 -13.97 5.43 0.11
C PHE A 210 -15.09 4.41 -0.10
N ALA A 211 -15.64 3.95 1.03
CA ALA A 211 -16.79 3.07 1.00
C ALA A 211 -18.10 3.81 1.25
N LYS A 212 -18.05 4.93 1.96
CA LYS A 212 -19.23 5.76 2.21
C LYS A 212 -18.92 7.19 1.83
N VAL A 213 -19.96 7.93 1.46
CA VAL A 213 -19.85 9.32 1.06
C VAL A 213 -20.79 10.14 1.93
N PRO A 214 -20.31 11.12 2.69
CA PRO A 214 -21.23 11.95 3.47
C PRO A 214 -22.11 12.81 2.57
N LEU A 215 -23.32 13.08 3.04
CA LEU A 215 -24.30 13.84 2.29
C LEU A 215 -24.72 15.07 3.09
N LYS A 216 -25.14 16.11 2.36
CA LYS A 216 -25.53 17.34 3.03
C LYS A 216 -26.71 17.13 3.98
N THR A 217 -27.56 16.15 3.69
CA THR A 217 -28.73 15.89 4.51
C THR A 217 -28.46 15.01 5.72
N ASP A 218 -27.24 14.49 5.85
CA ASP A 218 -26.92 13.65 7.01
C ASP A 218 -27.03 14.46 8.28
N ALA A 219 -27.51 13.81 9.34
CA ALA A 219 -27.66 14.50 10.63
C ALA A 219 -26.32 14.97 11.17
N ASN A 220 -25.30 14.12 11.08
CA ASN A 220 -23.98 14.44 11.61
C ASN A 220 -22.91 13.83 10.71
N ASP A 221 -21.71 14.39 10.81
CA ASP A 221 -20.63 13.99 9.90
C ASP A 221 -20.21 12.54 10.11
N GLN A 222 -20.37 12.00 11.32
CA GLN A 222 -19.89 10.65 11.60
C GLN A 222 -20.70 9.58 10.90
N ILE A 223 -21.86 9.92 10.33
CA ILE A 223 -22.67 8.91 9.65
C ILE A 223 -21.96 8.40 8.40
N GLY A 224 -21.42 9.32 7.60
CA GLY A 224 -20.77 8.98 6.35
C GLY A 224 -19.28 8.77 6.45
N ASP A 225 -18.71 8.76 7.65
CA ASP A 225 -17.27 8.61 7.80
C ASP A 225 -16.83 7.21 7.41
N SER A 226 -15.63 7.11 6.84
CA SER A 226 -15.08 5.84 6.43
C SER A 226 -13.56 5.96 6.32
N LEU A 227 -12.89 4.82 6.26
CA LEU A 227 -11.43 4.80 6.15
C LEU A 227 -11.02 4.99 4.70
N TYR A 228 -10.09 5.92 4.47
CA TYR A 228 -9.58 6.16 3.13
C TYR A 228 -8.82 4.93 2.63
N SER A 229 -9.06 4.57 1.38
CA SER A 229 -8.38 3.46 0.74
C SER A 229 -8.70 2.14 1.42
N ALA A 230 -9.99 1.89 1.64
CA ALA A 230 -10.47 0.65 2.25
C ALA A 230 -11.78 0.28 1.55
N MET A 231 -11.69 -0.60 0.56
CA MET A 231 -12.87 -0.91 -0.25
C MET A 231 -13.94 -1.60 0.58
N THR A 232 -13.55 -2.55 1.43
CA THR A 232 -14.53 -3.32 2.18
C THR A 232 -13.91 -3.80 3.49
N VAL A 233 -14.78 -4.07 4.45
CA VAL A 233 -14.40 -4.65 5.73
C VAL A 233 -14.62 -6.15 5.66
N ASP A 234 -13.74 -6.93 6.28
CA ASP A 234 -13.79 -8.39 6.20
C ASP A 234 -13.66 -8.84 4.75
N ASP A 235 -12.53 -8.47 4.14
CA ASP A 235 -12.35 -8.68 2.70
C ASP A 235 -12.43 -10.17 2.35
N PHE A 236 -11.75 -11.02 3.13
CA PHE A 236 -11.70 -12.44 2.83
C PHE A 236 -12.10 -13.35 3.97
N GLY A 237 -12.29 -12.83 5.18
CA GLY A 237 -12.65 -13.63 6.31
C GLY A 237 -11.47 -13.91 7.23
N VAL A 238 -11.62 -14.97 8.03
CA VAL A 238 -10.62 -15.36 9.01
C VAL A 238 -10.40 -16.86 8.96
N LEU A 239 -9.26 -17.29 9.50
CA LEU A 239 -8.95 -18.69 9.71
C LEU A 239 -8.92 -18.96 11.20
N ALA A 240 -9.73 -19.91 11.66
CA ALA A 240 -9.79 -20.29 13.06
C ALA A 240 -8.95 -21.54 13.29
N VAL A 241 -8.08 -21.48 14.30
CA VAL A 241 -7.14 -22.55 14.60
C VAL A 241 -7.32 -22.98 16.04
N ARG A 242 -7.35 -24.29 16.27
CA ARG A 242 -7.47 -24.84 17.61
C ARG A 242 -6.74 -26.18 17.65
N VAL A 243 -6.73 -26.78 18.84
CA VAL A 243 -6.19 -28.13 19.04
C VAL A 243 -7.35 -29.00 19.49
N VAL A 244 -7.65 -30.03 18.70
CA VAL A 244 -8.79 -30.88 19.00
C VAL A 244 -8.57 -31.65 20.30
N ASN A 245 -7.33 -32.05 20.59
CA ASN A 245 -7.05 -32.83 21.78
C ASN A 245 -7.47 -32.08 23.03
N ASP A 246 -7.94 -32.82 24.02
CA ASP A 246 -8.21 -32.24 25.33
C ASP A 246 -6.91 -31.83 26.00
N HIS A 247 -7.02 -31.28 27.21
CA HIS A 247 -5.85 -30.74 27.90
C HIS A 247 -5.09 -31.85 28.61
N ASN A 248 -3.77 -31.86 28.44
CA ASN A 248 -2.90 -32.72 29.21
C ASN A 248 -2.60 -32.07 30.55
N PRO A 249 -2.00 -32.81 31.48
CA PRO A 249 -1.65 -32.19 32.78
C PRO A 249 -0.71 -31.01 32.65
N THR A 250 0.02 -30.89 31.54
CA THR A 250 0.96 -29.80 31.33
C THR A 250 0.58 -29.00 30.09
N LYS A 251 0.80 -27.69 30.15
CA LYS A 251 0.51 -26.83 29.02
C LYS A 251 1.45 -27.12 27.87
N VAL A 252 0.90 -27.20 26.67
CA VAL A 252 1.66 -27.39 25.44
C VAL A 252 1.34 -26.25 24.50
N THR A 253 2.38 -25.57 24.01
CA THR A 253 2.24 -24.42 23.14
C THR A 253 2.72 -24.76 21.74
N SER A 254 2.05 -24.23 20.73
CA SER A 254 2.42 -24.48 19.35
C SER A 254 2.12 -23.26 18.51
N LYS A 255 2.79 -23.17 17.36
CA LYS A 255 2.61 -22.06 16.43
C LYS A 255 2.39 -22.60 15.03
N VAL A 256 1.59 -21.87 14.27
CA VAL A 256 1.26 -22.23 12.88
C VAL A 256 1.77 -21.12 11.97
N ARG A 257 2.55 -21.50 10.96
CA ARG A 257 3.08 -20.56 9.99
C ARG A 257 2.44 -20.81 8.64
N ILE A 258 2.04 -19.73 7.97
CA ILE A 258 1.27 -19.81 6.74
C ILE A 258 2.10 -19.22 5.60
N TYR A 259 2.23 -19.97 4.52
CA TYR A 259 3.01 -19.57 3.35
C TYR A 259 2.09 -19.50 2.14
N MET A 260 2.21 -18.42 1.37
CA MET A 260 1.33 -18.16 0.25
C MET A 260 2.15 -18.07 -1.03
N LYS A 261 1.75 -18.82 -2.05
CA LYS A 261 2.41 -18.82 -3.35
C LYS A 261 1.39 -18.50 -4.43
N PRO A 262 1.42 -17.31 -5.03
CA PRO A 262 0.55 -17.04 -6.17
C PRO A 262 0.84 -17.98 -7.33
N LYS A 263 -0.21 -18.40 -8.03
CA LYS A 263 -0.08 -19.25 -9.20
C LYS A 263 -0.94 -18.68 -10.33
N HIS A 264 -0.50 -18.90 -11.57
CA HIS A 264 -1.22 -18.44 -12.74
C HIS A 264 -1.47 -16.94 -12.65
N VAL A 265 -0.37 -16.18 -12.61
CA VAL A 265 -0.39 -14.78 -12.22
C VAL A 265 -0.47 -13.90 -13.48
N ARG A 266 -1.38 -12.93 -13.44
CA ARG A 266 -1.43 -11.85 -14.41
C ARG A 266 -1.48 -10.53 -13.67
N VAL A 267 -0.76 -9.52 -14.17
CA VAL A 267 -0.66 -8.24 -13.51
C VAL A 267 -0.79 -7.12 -14.54
N TRP A 268 -1.17 -5.93 -14.04
CA TRP A 268 -1.38 -4.77 -14.90
C TRP A 268 -0.83 -3.53 -14.22
N CYS A 269 -0.56 -2.51 -15.04
CA CYS A 269 -0.26 -1.17 -14.56
C CYS A 269 0.88 -1.15 -13.55
N PRO A 270 2.14 -1.31 -13.98
CA PRO A 270 3.24 -1.33 -13.03
C PRO A 270 3.39 -0.01 -12.29
N ARG A 271 3.91 -0.09 -11.08
CA ARG A 271 4.09 1.05 -10.18
C ARG A 271 5.50 1.05 -9.65
N PRO A 272 5.99 2.20 -9.18
CA PRO A 272 7.28 2.22 -8.49
C PRO A 272 7.22 1.39 -7.22
N PRO A 273 8.31 0.75 -6.85
CA PRO A 273 8.33 -0.01 -5.61
C PRO A 273 8.44 0.88 -4.38
N ARG A 274 8.03 0.31 -3.25
CA ARG A 274 8.11 1.03 -1.98
C ARG A 274 9.56 1.39 -1.67
N ALA A 275 9.77 2.62 -1.19
CA ALA A 275 11.09 3.12 -0.90
C ALA A 275 11.34 3.41 0.58
N VAL A 276 10.29 3.51 1.39
CA VAL A 276 10.44 3.79 2.81
C VAL A 276 9.64 2.77 3.59
N PRO A 277 9.95 2.59 4.88
CA PRO A 277 9.29 1.52 5.65
C PRO A 277 7.78 1.66 5.63
N TYR A 278 7.11 0.52 5.58
CA TYR A 278 5.65 0.51 5.60
C TYR A 278 5.13 0.99 6.94
N TYR A 279 3.92 1.55 6.92
CA TYR A 279 3.29 2.04 8.15
C TYR A 279 1.79 1.81 7.99
N GLY A 280 1.29 0.70 8.52
CA GLY A 280 -0.12 0.38 8.44
C GLY A 280 -0.48 -0.26 7.12
N PRO A 281 -1.77 -0.57 6.93
CA PRO A 281 -2.22 -1.17 5.68
C PRO A 281 -2.35 -0.19 4.52
N GLY A 282 -2.19 1.10 4.76
CA GLY A 282 -2.29 2.10 3.71
C GLY A 282 -0.93 2.41 3.09
N VAL A 283 -0.87 3.58 2.46
CA VAL A 283 0.35 4.06 1.84
C VAL A 283 1.05 5.11 2.70
N ASP A 284 0.78 5.10 4.01
CA ASP A 284 1.34 6.11 4.90
C ASP A 284 2.83 5.87 5.10
N TYR A 285 3.52 6.92 5.57
CA TYR A 285 4.94 6.85 5.87
C TYR A 285 5.23 7.78 7.03
N ARG A 286 5.94 7.26 8.05
CA ARG A 286 6.23 8.03 9.24
C ARG A 286 7.72 8.16 9.54
N ASN A 287 8.45 7.04 9.59
CA ASN A 287 9.68 7.00 10.40
C ASN A 287 10.90 7.58 9.69
N ASN A 288 11.36 6.96 8.61
CA ASN A 288 12.70 7.24 8.12
C ASN A 288 12.73 8.29 7.01
N LEU A 289 12.10 7.99 5.87
CA LEU A 289 12.00 8.93 4.76
C LEU A 289 13.35 9.37 4.21
N ASP A 290 14.43 8.67 4.52
CA ASP A 290 15.77 8.98 4.00
C ASP A 290 16.44 7.69 3.53
N PRO A 291 16.00 7.15 2.40
CA PRO A 291 16.53 5.86 1.96
C PRO A 291 17.93 5.91 1.39
N LEU A 292 18.27 6.99 0.69
CA LEU A 292 19.53 7.06 -0.05
C LEU A 292 20.67 7.51 0.84
N SER A 293 21.86 6.98 0.57
CA SER A 293 23.05 7.27 1.35
C SER A 293 23.90 8.31 0.64
N GLU A 294 24.83 8.90 1.40
CA GLU A 294 25.66 9.98 0.88
C GLU A 294 26.74 9.44 -0.05
N LYS A 295 27.07 10.24 -1.06
CA LYS A 295 28.11 9.88 -2.02
C LYS A 295 28.53 11.11 -2.81
N GLY A 296 29.84 11.31 -2.97
CA GLY A 296 30.30 12.49 -3.67
C GLY A 296 29.84 12.53 -5.11
N LEU A 297 29.66 13.75 -5.63
CA LEU A 297 29.19 13.91 -7.00
C LEU A 297 30.21 13.37 -7.99
N THR A 298 31.50 13.64 -7.77
CA THR A 298 32.57 13.24 -8.67
C THR A 298 33.42 12.12 -8.10
N THR A 299 32.80 11.21 -7.35
CA THR A 299 33.50 10.09 -6.74
C THR A 299 33.01 8.79 -7.37
N TYR A 300 33.95 7.99 -7.86
CA TYR A 300 33.62 6.70 -8.46
C TYR A 300 33.16 5.70 -7.42
N TYR B 9 3.46 19.07 -42.57
CA TYR B 9 2.92 18.72 -41.23
C TYR B 9 4.04 18.27 -40.30
N SER B 10 3.88 18.56 -39.01
CA SER B 10 4.88 18.19 -38.01
C SER B 10 4.19 17.93 -36.68
N ASP B 11 4.84 17.11 -35.85
CA ASP B 11 4.35 16.91 -34.49
C ASP B 11 4.57 18.13 -33.62
N ARG B 12 5.30 19.13 -34.12
CA ARG B 12 5.46 20.39 -33.40
C ARG B 12 4.11 21.07 -33.21
N VAL B 13 3.27 21.05 -34.25
CA VAL B 13 1.95 21.68 -34.22
C VAL B 13 0.90 20.60 -34.06
N LEU B 14 -0.22 20.95 -33.44
CA LEU B 14 -1.26 19.98 -33.14
C LEU B 14 -2.58 20.71 -32.89
N GLN B 15 -3.68 20.06 -33.23
CA GLN B 15 -5.01 20.58 -32.95
C GLN B 15 -5.90 19.46 -32.42
N LEU B 16 -6.74 19.79 -31.44
CA LEU B 16 -7.68 18.87 -30.85
C LEU B 16 -9.06 19.50 -30.86
N THR B 17 -10.08 18.70 -31.18
CA THR B 17 -11.46 19.20 -31.24
C THR B 17 -12.38 18.13 -30.69
N LEU B 18 -13.05 18.44 -29.59
CA LEU B 18 -14.05 17.58 -28.98
C LEU B 18 -15.30 18.40 -28.70
N GLY B 19 -16.45 17.85 -29.07
CA GLY B 19 -17.69 18.59 -28.85
C GLY B 19 -17.66 19.91 -29.59
N ASN B 20 -17.88 20.99 -28.85
CA ASN B 20 -17.88 22.34 -29.40
C ASN B 20 -16.65 23.13 -28.96
N SER B 21 -15.57 22.45 -28.61
CA SER B 21 -14.36 23.09 -28.11
C SER B 21 -13.16 22.65 -28.93
N THR B 22 -12.23 23.56 -29.14
CA THR B 22 -11.03 23.30 -29.94
C THR B 22 -9.81 23.83 -29.19
N ILE B 23 -8.68 23.14 -29.39
CA ILE B 23 -7.40 23.52 -28.79
C ILE B 23 -6.34 23.46 -29.86
N THR B 24 -5.43 24.43 -29.84
CA THR B 24 -4.32 24.50 -30.79
C THR B 24 -3.03 24.76 -30.04
N THR B 25 -1.95 24.12 -30.48
CA THR B 25 -0.63 24.34 -29.92
C THR B 25 0.39 24.31 -31.04
N GLN B 26 1.35 25.23 -30.97
CA GLN B 26 2.40 25.35 -31.98
C GLN B 26 3.75 24.86 -31.48
N GLU B 27 3.86 24.45 -30.22
CA GLU B 27 5.11 23.93 -29.68
C GLU B 27 4.85 22.71 -28.81
N ALA B 28 3.98 21.82 -29.28
CA ALA B 28 3.68 20.58 -28.56
C ALA B 28 4.71 19.52 -28.92
N ALA B 29 5.30 18.89 -27.90
CA ALA B 29 6.28 17.84 -28.16
C ALA B 29 5.66 16.71 -28.98
N ASN B 30 4.63 16.07 -28.44
CA ASN B 30 3.92 15.02 -29.14
C ASN B 30 2.71 14.64 -28.28
N SER B 31 1.91 13.72 -28.78
CA SER B 31 0.74 13.22 -28.07
C SER B 31 1.02 11.84 -27.52
N VAL B 32 0.68 11.61 -26.26
CA VAL B 32 0.91 10.35 -25.57
C VAL B 32 -0.42 9.67 -25.32
N VAL B 33 -0.53 8.41 -25.72
CA VAL B 33 -1.70 7.59 -25.44
C VAL B 33 -1.30 6.58 -24.38
N ALA B 34 -1.86 6.72 -23.18
CA ALA B 34 -1.44 5.89 -22.06
C ALA B 34 -1.64 4.42 -22.37
N TYR B 35 -0.58 3.63 -22.21
CA TYR B 35 -0.61 2.20 -22.44
C TYR B 35 -1.05 1.85 -23.86
N GLY B 36 -0.98 2.80 -24.78
CA GLY B 36 -1.33 2.53 -26.16
C GLY B 36 -2.76 2.08 -26.36
N ARG B 37 -3.69 2.58 -25.56
CA ARG B 37 -5.10 2.21 -25.65
C ARG B 37 -5.95 3.46 -25.75
N TRP B 38 -6.85 3.49 -26.72
CA TRP B 38 -7.76 4.60 -26.89
C TRP B 38 -9.05 4.35 -26.11
N PRO B 39 -9.70 5.40 -25.59
CA PRO B 39 -10.96 5.18 -24.87
C PRO B 39 -12.02 4.55 -25.76
N GLU B 40 -12.88 3.74 -25.16
CA GLU B 40 -13.95 3.07 -25.88
C GLU B 40 -15.09 2.75 -24.93
N PHE B 41 -16.24 2.46 -25.50
CA PHE B 41 -17.43 2.11 -24.72
C PHE B 41 -17.33 0.67 -24.24
N ILE B 42 -18.31 0.25 -23.44
CA ILE B 42 -18.35 -1.11 -22.92
C ILE B 42 -18.92 -2.03 -23.98
N ARG B 43 -18.21 -3.11 -24.29
CA ARG B 43 -18.72 -4.09 -25.22
C ARG B 43 -19.78 -4.97 -24.56
N ASP B 44 -20.61 -5.59 -25.37
CA ASP B 44 -21.71 -6.39 -24.84
C ASP B 44 -21.19 -7.53 -23.97
N ASP B 45 -20.05 -8.12 -24.35
CA ASP B 45 -19.48 -9.24 -23.61
C ASP B 45 -18.67 -8.79 -22.40
N GLU B 46 -18.83 -7.54 -21.95
CA GLU B 46 -18.15 -7.08 -20.75
C GLU B 46 -19.04 -6.20 -19.88
N ALA B 47 -20.32 -6.07 -20.19
CA ALA B 47 -21.22 -5.19 -19.46
C ALA B 47 -21.80 -5.92 -18.25
N ASN B 48 -21.50 -5.42 -17.06
CA ASN B 48 -22.00 -6.04 -15.84
C ASN B 48 -23.44 -5.63 -15.57
N PRO B 49 -23.75 -4.33 -15.48
CA PRO B 49 -25.16 -3.94 -15.24
C PRO B 49 -26.01 -4.15 -16.48
N VAL B 50 -27.32 -4.31 -16.25
CA VAL B 50 -28.26 -4.59 -17.32
C VAL B 50 -29.09 -3.39 -17.73
N ASP B 51 -28.99 -2.27 -17.01
CA ASP B 51 -29.76 -1.09 -17.35
C ASP B 51 -29.27 -0.48 -18.65
N GLN B 52 -30.15 0.24 -19.33
CA GLN B 52 -29.78 0.93 -20.55
C GLN B 52 -28.90 2.13 -20.20
N PRO B 53 -27.69 2.23 -20.73
CA PRO B 53 -26.81 3.35 -20.38
C PRO B 53 -27.22 4.64 -21.08
N THR B 54 -26.68 5.74 -20.58
CA THR B 54 -26.87 7.06 -21.15
C THR B 54 -25.54 7.55 -21.71
N GLU B 55 -25.56 8.07 -22.94
CA GLU B 55 -24.36 8.50 -23.64
C GLU B 55 -24.57 9.92 -24.15
N PRO B 56 -24.35 10.93 -23.30
CA PRO B 56 -24.55 12.31 -23.75
C PRO B 56 -23.67 12.70 -24.92
N ASP B 57 -22.47 12.14 -25.02
CA ASP B 57 -21.54 12.46 -26.09
C ASP B 57 -21.16 13.95 -26.08
N VAL B 58 -21.75 14.74 -26.98
CA VAL B 58 -21.29 16.11 -27.17
C VAL B 58 -21.53 16.92 -25.91
N ALA B 59 -22.62 16.65 -25.20
CA ALA B 59 -22.97 17.46 -24.04
C ALA B 59 -21.92 17.38 -22.93
N THR B 60 -21.22 16.25 -22.82
CA THR B 60 -20.25 16.05 -21.76
C THR B 60 -18.82 15.86 -22.24
N CYS B 61 -18.62 15.35 -23.46
CA CYS B 61 -17.28 15.11 -23.99
C CYS B 61 -16.77 16.39 -24.64
N ARG B 62 -16.22 17.28 -23.81
CA ARG B 62 -15.71 18.56 -24.28
C ARG B 62 -14.65 19.03 -23.29
N PHE B 63 -13.87 20.02 -23.72
CA PHE B 63 -12.75 20.51 -22.92
C PHE B 63 -13.25 21.45 -21.83
N TYR B 64 -12.97 21.12 -20.58
CA TYR B 64 -13.24 21.98 -19.43
C TYR B 64 -11.91 22.47 -18.88
N THR B 65 -11.81 23.77 -18.63
CA THR B 65 -10.58 24.39 -18.17
C THR B 65 -10.65 24.62 -16.66
N LEU B 66 -9.69 24.07 -15.94
CA LEU B 66 -9.62 24.24 -14.50
C LEU B 66 -9.02 25.60 -14.16
N ASP B 67 -9.08 25.95 -12.87
CA ASP B 67 -8.50 27.20 -12.42
C ASP B 67 -7.01 27.23 -12.66
N THR B 68 -6.49 28.40 -13.01
CA THR B 68 -5.07 28.56 -13.28
C THR B 68 -4.29 28.65 -11.98
N VAL B 69 -3.12 28.02 -11.96
CA VAL B 69 -2.21 28.05 -10.82
C VAL B 69 -0.92 28.73 -11.28
N MET B 70 -0.23 29.35 -10.32
CA MET B 70 0.95 30.16 -10.60
C MET B 70 2.20 29.42 -10.18
N TRP B 71 3.17 29.32 -11.09
CA TRP B 71 4.43 28.62 -10.86
C TRP B 71 5.48 29.62 -10.43
N GLY B 72 6.04 29.42 -9.24
CA GLY B 72 7.09 30.27 -8.70
C GLY B 72 8.35 29.49 -8.43
N LYS B 73 9.34 30.22 -7.91
CA LYS B 73 10.63 29.58 -7.60
C LYS B 73 10.50 28.59 -6.45
N GLU B 74 9.61 28.86 -5.49
CA GLU B 74 9.50 28.05 -4.29
C GLU B 74 8.33 27.06 -4.34
N SER B 75 7.63 26.97 -5.45
CA SER B 75 6.52 26.03 -5.55
C SER B 75 7.05 24.60 -5.66
N LYS B 76 6.36 23.68 -5.00
CA LYS B 76 6.80 22.29 -4.95
C LYS B 76 6.02 21.36 -5.88
N GLY B 77 4.79 21.70 -6.21
CA GLY B 77 4.02 20.89 -7.14
C GLY B 77 2.54 21.04 -6.87
N TRP B 78 1.76 20.37 -7.73
CA TRP B 78 0.31 20.36 -7.63
C TRP B 78 -0.20 18.98 -8.05
N TRP B 79 -1.35 18.60 -7.53
CA TRP B 79 -1.96 17.32 -7.89
C TRP B 79 -3.47 17.46 -7.97
N TRP B 80 -4.06 16.83 -8.98
CA TRP B 80 -5.49 16.73 -9.15
C TRP B 80 -5.88 15.27 -9.26
N LYS B 81 -7.18 15.00 -9.14
CA LYS B 81 -7.70 13.65 -9.29
C LYS B 81 -8.95 13.69 -10.15
N LEU B 82 -9.23 12.58 -10.81
CA LEU B 82 -10.33 12.48 -11.75
C LEU B 82 -11.21 11.29 -11.41
N PRO B 83 -12.52 11.38 -11.65
CA PRO B 83 -13.27 12.52 -12.20
C PRO B 83 -13.59 13.58 -11.17
N ASP B 84 -12.87 13.61 -10.05
CA ASP B 84 -13.17 14.57 -9.00
C ASP B 84 -13.03 16.00 -9.50
N ALA B 85 -11.97 16.29 -10.25
CA ALA B 85 -11.73 17.65 -10.70
C ALA B 85 -12.86 18.18 -11.57
N LEU B 86 -13.62 17.30 -12.22
CA LEU B 86 -14.67 17.68 -13.15
C LEU B 86 -16.07 17.57 -12.54
N ARG B 87 -16.16 17.50 -11.21
CA ARG B 87 -17.46 17.23 -10.57
C ARG B 87 -18.43 18.39 -10.77
N ASP B 88 -17.92 19.61 -10.94
CA ASP B 88 -18.77 20.79 -11.07
C ASP B 88 -18.77 21.36 -12.49
N MET B 89 -18.40 20.54 -13.48
CA MET B 89 -18.26 21.02 -14.86
C MET B 89 -19.54 20.72 -15.64
N GLY B 90 -20.58 21.48 -15.33
CA GLY B 90 -21.78 21.45 -16.13
C GLY B 90 -22.42 20.08 -16.22
N LEU B 91 -22.81 19.71 -17.44
CA LEU B 91 -23.60 18.51 -17.62
C LEU B 91 -22.82 17.25 -17.24
N PHE B 92 -21.50 17.28 -17.37
CA PHE B 92 -20.72 16.14 -16.90
C PHE B 92 -20.92 15.94 -15.40
N GLY B 93 -20.83 17.01 -14.62
CA GLY B 93 -21.06 16.91 -13.19
C GLY B 93 -22.49 16.50 -12.87
N GLN B 94 -23.46 17.06 -13.60
CA GLN B 94 -24.84 16.69 -13.36
C GLN B 94 -25.07 15.21 -13.59
N ASN B 95 -24.53 14.68 -14.70
CA ASN B 95 -24.67 13.26 -14.98
C ASN B 95 -23.94 12.42 -13.93
N MET B 96 -22.77 12.88 -13.49
CA MET B 96 -22.03 12.14 -12.48
C MET B 96 -22.85 12.02 -11.20
N TYR B 97 -23.49 13.10 -10.78
CA TYR B 97 -24.23 13.09 -9.52
C TYR B 97 -25.62 12.48 -9.65
N TYR B 98 -26.17 12.39 -10.86
CA TYR B 98 -27.50 11.82 -11.04
C TYR B 98 -27.49 10.31 -11.26
N HIS B 99 -26.33 9.70 -11.47
CA HIS B 99 -26.23 8.28 -11.77
C HIS B 99 -25.37 7.57 -10.73
N TYR B 100 -25.78 6.35 -10.40
CA TYR B 100 -25.00 5.52 -9.47
C TYR B 100 -23.64 5.17 -10.04
N LEU B 101 -23.58 4.84 -11.32
CA LEU B 101 -22.37 4.35 -11.96
C LEU B 101 -21.92 5.29 -13.07
N GLY B 102 -20.65 5.23 -13.40
CA GLY B 102 -20.09 6.08 -14.44
C GLY B 102 -18.80 5.52 -14.99
N ARG B 103 -18.48 5.95 -16.20
CA ARG B 103 -17.28 5.48 -16.90
C ARG B 103 -16.93 6.49 -17.97
N SER B 104 -15.63 6.78 -18.11
CA SER B 104 -15.20 7.72 -19.15
C SER B 104 -13.68 7.75 -19.20
N GLY B 105 -13.15 8.00 -20.39
CA GLY B 105 -11.76 8.35 -20.56
C GLY B 105 -11.57 9.86 -20.50
N TYR B 106 -10.32 10.29 -20.61
CA TYR B 106 -10.00 11.71 -20.52
C TYR B 106 -8.88 12.05 -21.50
N THR B 107 -8.77 13.34 -21.78
CA THR B 107 -7.70 13.88 -22.62
C THR B 107 -7.12 15.09 -21.88
N VAL B 108 -6.03 14.87 -21.15
CA VAL B 108 -5.44 15.92 -20.33
C VAL B 108 -4.52 16.78 -21.19
N HIS B 109 -4.69 18.09 -21.10
CA HIS B 109 -3.86 19.05 -21.83
C HIS B 109 -3.34 20.06 -20.82
N VAL B 110 -2.02 20.08 -20.61
CA VAL B 110 -1.38 21.00 -19.68
C VAL B 110 -0.73 22.11 -20.47
N GLN B 111 -0.93 23.35 -20.03
CA GLN B 111 -0.51 24.54 -20.76
C GLN B 111 0.45 25.34 -19.90
N CYS B 112 1.62 25.67 -20.46
CA CYS B 112 2.59 26.50 -19.77
C CYS B 112 3.54 27.06 -20.79
N ASN B 113 3.58 28.39 -20.91
CA ASN B 113 4.39 29.06 -21.92
C ASN B 113 5.27 30.11 -21.26
N ALA B 114 6.46 30.30 -21.82
CA ALA B 114 7.41 31.27 -21.31
C ALA B 114 8.35 31.67 -22.43
N SER B 115 9.06 32.78 -22.22
CA SER B 115 9.94 33.31 -23.24
C SER B 115 11.11 32.37 -23.48
N LYS B 116 11.97 32.74 -24.42
CA LYS B 116 13.16 31.96 -24.72
C LYS B 116 14.27 32.14 -23.69
N PHE B 117 14.17 33.13 -22.81
CA PHE B 117 15.17 33.38 -21.78
C PHE B 117 14.78 32.78 -20.44
N HIS B 118 13.62 32.13 -20.34
CA HIS B 118 13.26 31.40 -19.14
C HIS B 118 13.84 29.99 -19.20
N GLN B 119 13.85 29.32 -18.04
CA GLN B 119 14.31 27.96 -17.97
C GLN B 119 13.55 27.22 -16.88
N GLY B 120 13.36 25.93 -17.08
CA GLY B 120 12.62 25.12 -16.13
C GLY B 120 12.12 23.86 -16.80
N ALA B 121 11.47 23.02 -15.99
CA ALA B 121 10.91 21.77 -16.49
C ALA B 121 9.84 21.28 -15.54
N LEU B 122 8.72 20.85 -16.10
CA LEU B 122 7.61 20.28 -15.34
C LEU B 122 7.44 18.82 -15.70
N GLY B 123 7.18 17.99 -14.69
CA GLY B 123 6.92 16.59 -14.92
C GLY B 123 5.46 16.25 -14.77
N VAL B 124 4.78 15.99 -15.88
CA VAL B 124 3.36 15.68 -15.88
C VAL B 124 3.21 14.17 -15.86
N PHE B 125 2.56 13.65 -14.82
CA PHE B 125 2.36 12.21 -14.65
C PHE B 125 0.88 11.91 -14.52
N ALA B 126 0.46 10.79 -15.10
CA ALA B 126 -0.90 10.28 -14.97
C ALA B 126 -0.83 8.96 -14.21
N ILE B 127 -1.30 8.96 -12.97
CA ILE B 127 -1.09 7.87 -12.03
C ILE B 127 -2.44 7.21 -11.77
N PRO B 128 -2.65 5.95 -12.16
CA PRO B 128 -3.90 5.28 -11.81
C PRO B 128 -3.90 4.83 -10.35
N GLU B 129 -5.07 4.93 -9.72
CA GLU B 129 -5.22 4.58 -8.32
C GLU B 129 -4.18 5.32 -7.47
N TYR B 130 -4.17 6.64 -7.62
CA TYR B 130 -3.14 7.48 -7.01
C TYR B 130 -3.48 7.73 -5.54
N CYS B 131 -3.15 6.75 -4.70
CA CYS B 131 -3.32 6.91 -3.27
C CYS B 131 -2.28 7.86 -2.70
N LEU B 132 -2.66 8.57 -1.64
CA LEU B 132 -1.78 9.56 -1.01
C LEU B 132 -1.73 9.30 0.49
N ALA B 133 -0.67 9.82 1.11
CA ALA B 133 -0.42 9.57 2.53
C ALA B 133 -1.07 10.64 3.39
N GLY B 134 -1.36 10.27 4.63
CA GLY B 134 -1.94 11.19 5.60
C GLY B 134 -0.89 12.04 6.28
N ASP B 135 -1.35 12.79 7.29
CA ASP B 135 -0.49 13.73 8.00
C ASP B 135 -0.47 13.50 9.50
N SER B 136 -0.94 12.36 9.99
CA SER B 136 -1.00 12.09 11.41
C SER B 136 -0.62 10.65 11.69
N ASP B 137 -0.54 10.31 12.98
CA ASP B 137 -0.25 8.94 13.37
C ASP B 137 -1.36 7.99 12.92
N LYS B 138 -2.61 8.42 13.05
CA LYS B 138 -3.73 7.57 12.66
C LYS B 138 -3.64 7.24 11.17
N GLN B 139 -3.82 5.97 10.85
CA GLN B 139 -3.65 5.49 9.49
C GLN B 139 -4.99 5.53 8.75
N ARG B 140 -4.93 5.95 7.48
CA ARG B 140 -6.12 5.99 6.63
C ARG B 140 -7.22 6.83 7.26
N TYR B 141 -6.84 7.98 7.82
CA TYR B 141 -7.75 8.81 8.60
C TYR B 141 -8.19 10.07 7.87
N THR B 142 -7.72 10.30 6.65
CA THR B 142 -8.09 11.51 5.92
C THR B 142 -9.58 11.51 5.61
N SER B 143 -10.20 12.68 5.71
CA SER B 143 -11.64 12.80 5.53
C SER B 143 -11.98 12.85 4.04
N TYR B 144 -13.26 12.62 3.74
CA TYR B 144 -13.73 12.67 2.36
C TYR B 144 -13.56 14.07 1.78
N ALA B 145 -13.90 15.10 2.56
CA ALA B 145 -13.83 16.46 2.04
C ALA B 145 -12.41 16.85 1.68
N ASN B 146 -11.45 16.50 2.53
CA ASN B 146 -10.07 16.91 2.31
C ASN B 146 -9.37 16.09 1.23
N ALA B 147 -9.91 14.92 0.88
CA ALA B 147 -9.32 14.08 -0.15
C ALA B 147 -9.88 14.36 -1.54
N ASN B 148 -10.85 15.27 -1.65
CA ASN B 148 -11.49 15.61 -2.92
C ASN B 148 -11.51 17.13 -3.07
N PRO B 149 -10.35 17.75 -3.32
CA PRO B 149 -10.32 19.21 -3.40
C PRO B 149 -11.19 19.78 -4.52
N GLY B 150 -11.39 19.04 -5.60
CA GLY B 150 -12.11 19.56 -6.75
C GLY B 150 -11.17 20.16 -7.77
N GLU B 151 -11.63 21.18 -8.49
CA GLU B 151 -10.75 21.85 -9.44
C GLU B 151 -9.62 22.60 -8.74
N ARG B 152 -9.78 22.90 -7.45
CA ARG B 152 -8.72 23.59 -6.73
C ARG B 152 -7.46 22.75 -6.65
N GLY B 153 -7.61 21.45 -6.46
CA GLY B 153 -6.47 20.56 -6.39
C GLY B 153 -5.74 20.68 -5.05
N GLY B 154 -4.52 20.18 -5.05
CA GLY B 154 -3.69 20.22 -3.85
C GLY B 154 -2.26 20.61 -4.18
N LYS B 155 -1.37 20.50 -3.19
CA LYS B 155 0.02 20.88 -3.36
C LYS B 155 0.91 19.87 -2.64
N PHE B 156 2.16 19.80 -3.09
CA PHE B 156 3.16 18.97 -2.44
C PHE B 156 3.94 19.78 -1.41
N TYR B 157 4.73 19.08 -0.61
CA TYR B 157 5.56 19.69 0.42
C TYR B 157 6.95 19.09 0.37
N SER B 158 7.92 19.86 0.84
CA SER B 158 9.31 19.43 0.79
C SER B 158 9.70 18.51 1.94
N GLN B 159 8.87 18.40 2.97
CA GLN B 159 9.21 17.57 4.12
C GLN B 159 7.94 17.19 4.84
N PHE B 160 8.04 16.13 5.65
CA PHE B 160 6.91 15.59 6.39
C PHE B 160 6.87 16.18 7.79
N ASN B 161 5.74 16.78 8.16
CA ASN B 161 5.54 17.38 9.47
C ASN B 161 4.27 16.80 10.05
N LYS B 162 4.42 15.88 11.02
CA LYS B 162 3.27 15.19 11.59
C LYS B 162 2.35 16.19 12.28
N ASP B 163 1.05 16.00 12.10
CA ASP B 163 0.06 16.88 12.71
C ASP B 163 -0.06 16.58 14.20
N ASN B 164 0.34 17.55 15.03
CA ASN B 164 0.36 17.38 16.46
C ASN B 164 -0.93 17.83 17.15
N ALA B 165 -1.92 18.29 16.39
CA ALA B 165 -3.16 18.76 16.99
C ALA B 165 -3.84 17.63 17.76
N VAL B 166 -4.26 17.93 18.98
CA VAL B 166 -4.92 16.93 19.82
C VAL B 166 -6.43 16.90 19.56
N THR B 167 -7.06 18.07 19.47
CA THR B 167 -8.48 18.19 19.20
C THR B 167 -8.69 18.81 17.83
N SER B 168 -9.69 18.32 17.11
CA SER B 168 -9.99 18.79 15.77
C SER B 168 -8.79 18.57 14.87
N PRO B 169 -8.40 17.31 14.63
CA PRO B 169 -7.29 17.05 13.71
C PRO B 169 -7.63 17.48 12.30
N LYS B 170 -6.60 17.90 11.56
CA LYS B 170 -6.81 18.42 10.22
C LYS B 170 -7.38 17.36 9.29
N ARG B 171 -6.85 16.14 9.37
CA ARG B 171 -7.27 15.05 8.49
C ARG B 171 -7.07 15.44 7.02
N GLU B 172 -5.82 15.67 6.66
CA GLU B 172 -5.45 16.09 5.32
C GLU B 172 -4.24 15.30 4.85
N PHE B 173 -4.08 15.24 3.53
CA PHE B 173 -2.88 14.66 2.96
C PHE B 173 -1.67 15.54 3.26
N CYS B 174 -0.50 14.91 3.32
CA CYS B 174 0.78 15.62 3.41
C CYS B 174 1.76 15.00 2.42
N PRO B 175 1.51 15.14 1.12
CA PRO B 175 2.42 14.57 0.13
C PRO B 175 3.81 15.20 0.25
N VAL B 176 4.83 14.38 0.03
CA VAL B 176 6.22 14.82 0.01
C VAL B 176 6.71 14.75 -1.43
N ASP B 177 7.30 15.85 -1.91
CA ASP B 177 7.57 15.97 -3.34
C ASP B 177 8.49 14.85 -3.83
N TYR B 178 9.59 14.60 -3.13
CA TYR B 178 10.55 13.61 -3.60
C TYR B 178 10.09 12.18 -3.35
N LEU B 179 9.09 11.96 -2.52
CA LEU B 179 8.47 10.66 -2.34
C LEU B 179 7.23 10.48 -3.19
N LEU B 180 6.90 11.45 -4.04
CA LEU B 180 5.72 11.42 -4.90
C LEU B 180 4.42 11.40 -4.11
N GLY B 181 4.48 11.58 -2.79
CA GLY B 181 3.30 11.59 -1.97
C GLY B 181 2.79 10.22 -1.57
N CYS B 182 3.45 9.14 -1.98
CA CYS B 182 2.98 7.80 -1.65
C CYS B 182 4.10 6.86 -1.25
N GLY B 183 5.23 7.38 -0.76
CA GLY B 183 6.28 6.53 -0.25
C GLY B 183 7.14 5.86 -1.29
N VAL B 184 7.17 6.38 -2.52
CA VAL B 184 8.01 5.85 -3.58
C VAL B 184 8.87 6.98 -4.12
N LEU B 185 10.13 6.68 -4.45
CA LEU B 185 11.03 7.71 -4.94
C LEU B 185 10.50 8.32 -6.23
N LEU B 186 10.61 9.65 -6.33
CA LEU B 186 10.08 10.34 -7.49
C LEU B 186 10.75 9.92 -8.78
N GLY B 187 12.02 9.50 -8.71
CA GLY B 187 12.74 9.15 -9.92
C GLY B 187 12.06 8.03 -10.69
N ASN B 188 11.43 7.10 -10.00
CA ASN B 188 10.78 5.96 -10.63
C ASN B 188 9.39 6.27 -11.16
N ALA B 189 8.92 7.52 -10.99
CA ALA B 189 7.57 7.87 -11.37
C ALA B 189 7.36 7.83 -12.88
N PHE B 190 8.43 7.73 -13.67
CA PHE B 190 8.30 7.74 -15.12
C PHE B 190 7.74 6.44 -15.68
N VAL B 191 7.57 5.40 -14.87
CA VAL B 191 6.90 4.21 -15.35
C VAL B 191 5.45 4.52 -15.72
N TYR B 192 4.85 5.50 -15.06
CA TYR B 192 3.51 5.95 -15.41
C TYR B 192 3.54 6.74 -16.71
N PRO B 193 2.42 6.82 -17.42
CA PRO B 193 2.36 7.70 -18.58
C PRO B 193 2.69 9.13 -18.17
N HIS B 194 3.50 9.80 -18.99
CA HIS B 194 4.05 11.08 -18.56
C HIS B 194 4.51 11.88 -19.77
N GLN B 195 4.75 13.16 -19.53
CA GLN B 195 5.44 14.04 -20.46
C GLN B 195 6.14 15.11 -19.66
N ILE B 196 7.14 15.74 -20.28
CA ILE B 196 7.93 16.78 -19.64
C ILE B 196 7.76 18.06 -20.44
N ILE B 197 7.42 19.15 -19.75
CA ILE B 197 7.30 20.46 -20.37
C ILE B 197 8.60 21.20 -20.07
N ASN B 198 9.57 21.07 -20.97
CA ASN B 198 10.85 21.76 -20.86
C ASN B 198 10.73 23.08 -21.61
N LEU B 199 10.90 24.19 -20.91
CA LEU B 199 10.55 25.49 -21.48
C LEU B 199 11.37 25.82 -22.72
N ARG B 200 12.52 25.18 -22.92
CA ARG B 200 13.31 25.42 -24.13
C ARG B 200 12.87 24.59 -25.32
N THR B 201 11.98 23.62 -25.12
CA THR B 201 11.55 22.72 -26.20
C THR B 201 10.07 22.84 -26.51
N ASN B 202 9.20 22.72 -25.50
CA ASN B 202 7.77 22.70 -25.73
C ASN B 202 7.08 23.50 -24.63
N ASN B 203 5.82 23.86 -24.90
CA ASN B 203 5.03 24.64 -23.96
C ASN B 203 3.71 23.97 -23.61
N SER B 204 3.55 22.69 -23.90
CA SER B 204 2.32 21.99 -23.55
C SER B 204 2.58 20.49 -23.56
N ALA B 205 1.69 19.75 -22.91
CA ALA B 205 1.77 18.30 -22.84
C ALA B 205 0.36 17.73 -22.98
N THR B 206 0.23 16.71 -23.83
CA THR B 206 -1.05 16.07 -24.11
C THR B 206 -0.97 14.59 -23.74
N ILE B 207 -1.91 14.12 -22.94
CA ILE B 207 -2.00 12.72 -22.56
C ILE B 207 -3.44 12.26 -22.73
N VAL B 208 -3.62 11.12 -23.39
CA VAL B 208 -4.93 10.53 -23.59
C VAL B 208 -5.05 9.34 -22.64
N LEU B 209 -6.01 9.41 -21.73
CA LEU B 209 -6.14 8.42 -20.67
C LEU B 209 -7.35 7.52 -20.93
N PRO B 210 -7.18 6.23 -21.17
CA PRO B 210 -8.33 5.33 -21.23
C PRO B 210 -8.85 5.04 -19.83
N TYR B 211 -10.03 4.43 -19.77
CA TYR B 211 -10.62 4.05 -18.49
C TYR B 211 -9.89 2.85 -17.94
N VAL B 212 -9.21 3.02 -16.82
CA VAL B 212 -8.45 1.95 -16.19
C VAL B 212 -9.08 1.66 -14.84
N ASN B 213 -9.49 0.40 -14.64
CA ASN B 213 -10.11 -0.02 -13.39
C ASN B 213 -10.20 -1.53 -13.40
N ALA B 214 -10.42 -2.10 -12.21
CA ALA B 214 -10.62 -3.53 -12.08
C ALA B 214 -12.03 -3.97 -12.46
N LEU B 215 -12.92 -3.03 -12.76
CA LEU B 215 -14.30 -3.32 -13.10
C LEU B 215 -14.64 -2.66 -14.42
N ALA B 216 -15.66 -3.21 -15.10
CA ALA B 216 -16.12 -2.61 -16.34
C ALA B 216 -16.65 -1.20 -16.11
N ILE B 217 -17.39 -1.00 -15.02
CA ILE B 217 -17.94 0.31 -14.67
C ILE B 217 -18.02 0.40 -13.16
N ASP B 218 -17.79 1.59 -12.63
CA ASP B 218 -17.69 1.77 -11.18
C ASP B 218 -18.22 3.14 -10.80
N SER B 219 -18.51 3.29 -9.51
CA SER B 219 -19.03 4.57 -9.01
C SER B 219 -17.99 5.66 -9.16
N MET B 220 -18.46 6.87 -9.50
CA MET B 220 -17.58 8.01 -9.70
C MET B 220 -17.45 8.89 -8.48
N VAL B 221 -18.49 8.98 -7.64
CA VAL B 221 -18.42 9.82 -6.45
C VAL B 221 -17.45 9.23 -5.44
N LYS B 222 -17.42 7.89 -5.33
CA LYS B 222 -16.65 7.22 -4.30
C LYS B 222 -15.20 6.97 -4.71
N HIS B 223 -14.96 6.60 -5.96
CA HIS B 223 -13.66 6.13 -6.41
C HIS B 223 -13.12 7.05 -7.50
N ASN B 224 -11.85 7.42 -7.39
CA ASN B 224 -11.16 8.21 -8.39
C ASN B 224 -10.21 7.29 -9.17
N ASN B 225 -10.35 7.29 -10.49
CA ASN B 225 -9.56 6.38 -11.32
C ASN B 225 -8.14 6.90 -11.51
N TRP B 226 -8.00 8.08 -12.10
CA TRP B 226 -6.70 8.64 -12.45
C TRP B 226 -6.31 9.75 -11.49
N GLY B 227 -5.01 10.01 -11.43
CA GLY B 227 -4.49 11.12 -10.66
C GLY B 227 -3.42 11.87 -11.43
N ILE B 228 -3.58 13.19 -11.54
CA ILE B 228 -2.64 14.02 -12.28
C ILE B 228 -1.73 14.71 -11.28
N ALA B 229 -0.42 14.52 -11.45
CA ALA B 229 0.59 15.14 -10.58
C ALA B 229 1.57 15.91 -11.45
N ILE B 230 1.77 17.18 -11.12
CA ILE B 230 2.68 18.06 -11.85
C ILE B 230 3.74 18.53 -10.86
N LEU B 231 4.98 18.11 -11.08
CA LEU B 231 6.09 18.50 -10.22
C LEU B 231 7.17 19.20 -11.04
N PRO B 232 7.78 20.27 -10.52
CA PRO B 232 8.87 20.92 -11.24
C PRO B 232 10.17 20.14 -11.06
N LEU B 233 10.59 19.43 -12.11
CA LEU B 233 11.84 18.68 -12.04
C LEU B 233 13.03 19.63 -11.92
N SER B 234 12.99 20.76 -12.62
CA SER B 234 14.01 21.78 -12.54
C SER B 234 13.37 23.11 -12.14
N PRO B 235 13.91 23.82 -11.15
CA PRO B 235 13.24 25.03 -10.67
C PRO B 235 13.26 26.13 -11.73
N LEU B 236 12.26 27.02 -11.62
CA LEU B 236 12.14 28.14 -12.54
C LEU B 236 13.21 29.19 -12.28
N ASP B 237 13.63 29.87 -13.35
CA ASP B 237 14.63 30.93 -13.24
C ASP B 237 14.61 31.73 -14.54
N PHE B 238 14.51 33.05 -14.43
CA PHE B 238 14.39 33.90 -15.61
C PHE B 238 15.56 34.86 -15.79
N ALA B 239 15.79 35.78 -14.86
CA ALA B 239 16.82 36.79 -15.01
C ALA B 239 17.47 37.07 -13.66
N GLN B 240 17.81 36.01 -12.94
CA GLN B 240 18.29 36.13 -11.56
C GLN B 240 17.37 37.03 -10.75
N ASP B 241 16.07 36.91 -11.01
CA ASP B 241 15.04 37.67 -10.32
C ASP B 241 14.19 36.72 -9.49
N SER B 242 14.05 37.02 -8.20
CA SER B 242 13.37 36.13 -7.28
C SER B 242 11.85 36.25 -7.31
N SER B 243 11.31 37.26 -8.00
CA SER B 243 9.87 37.48 -8.04
C SER B 243 9.21 36.90 -9.28
N VAL B 244 9.96 36.17 -10.12
CA VAL B 244 9.39 35.65 -11.36
C VAL B 244 8.37 34.58 -11.05
N GLU B 245 7.35 34.51 -11.90
CA GLU B 245 6.36 33.43 -11.82
C GLU B 245 5.53 33.44 -13.10
N ILE B 246 5.15 32.25 -13.56
CA ILE B 246 4.36 32.11 -14.77
C ILE B 246 3.19 31.17 -14.50
N PRO B 247 2.06 31.30 -15.17
CA PRO B 247 0.90 30.47 -14.86
C PRO B 247 0.97 29.10 -15.51
N ILE B 248 0.20 28.18 -14.93
CA ILE B 248 -0.02 26.85 -15.49
C ILE B 248 -1.51 26.60 -15.55
N THR B 249 -2.00 26.18 -16.70
CA THR B 249 -3.42 25.92 -16.92
C THR B 249 -3.62 24.48 -17.36
N VAL B 250 -4.64 23.84 -16.80
CA VAL B 250 -4.93 22.43 -17.07
C VAL B 250 -6.31 22.34 -17.69
N THR B 251 -6.40 21.64 -18.82
CA THR B 251 -7.66 21.44 -19.54
C THR B 251 -7.88 19.95 -19.72
N ILE B 252 -9.09 19.49 -19.41
CA ILE B 252 -9.43 18.08 -19.43
C ILE B 252 -10.76 17.90 -20.13
N ALA B 253 -10.89 16.85 -20.93
CA ALA B 253 -12.10 16.56 -21.68
C ALA B 253 -12.47 15.09 -21.49
N PRO B 254 -13.62 14.77 -20.92
CA PRO B 254 -14.05 13.37 -20.87
C PRO B 254 -14.25 12.80 -22.27
N MET B 255 -13.99 11.51 -22.40
CA MET B 255 -14.15 10.82 -23.69
C MET B 255 -14.90 9.52 -23.48
N CYS B 256 -15.85 9.25 -24.38
CA CYS B 256 -16.63 8.02 -24.35
C CYS B 256 -17.31 7.83 -22.98
N SER B 257 -17.93 8.90 -22.51
CA SER B 257 -18.62 8.85 -21.22
C SER B 257 -19.91 8.05 -21.34
N GLU B 258 -20.24 7.30 -20.29
CA GLU B 258 -21.53 6.61 -20.22
C GLU B 258 -21.87 6.37 -18.77
N PHE B 259 -23.15 6.56 -18.43
CA PHE B 259 -23.66 6.41 -17.08
C PHE B 259 -24.83 5.46 -17.08
N ASN B 260 -24.98 4.68 -16.02
CA ASN B 260 -25.84 3.50 -16.04
C ASN B 260 -27.02 3.59 -15.09
N GLY B 261 -26.80 3.80 -13.79
CA GLY B 261 -27.88 3.69 -12.83
C GLY B 261 -28.48 5.01 -12.39
N LEU B 262 -29.67 5.34 -12.88
CA LEU B 262 -30.28 6.63 -12.63
C LEU B 262 -31.10 6.61 -11.35
N ARG B 263 -31.13 7.75 -10.66
CA ARG B 263 -31.83 7.91 -9.38
C ARG B 263 -31.88 9.41 -9.09
N ASN B 264 -32.31 9.76 -7.88
CA ASN B 264 -32.32 11.15 -7.47
C ASN B 264 -30.89 11.65 -7.24
N VAL B 265 -30.74 12.97 -7.28
CA VAL B 265 -29.41 13.58 -7.31
C VAL B 265 -28.67 13.33 -6.00
N THR B 266 -27.34 13.43 -6.07
CA THR B 266 -26.46 13.27 -4.92
C THR B 266 -25.86 14.63 -4.56
N ALA B 267 -25.79 14.91 -3.26
CA ALA B 267 -25.29 16.18 -2.75
C ALA B 267 -24.25 15.91 -1.68
N PRO B 268 -23.01 15.63 -2.07
CA PRO B 268 -21.96 15.38 -1.08
C PRO B 268 -21.72 16.61 -0.22
N LYS B 269 -21.30 16.36 1.02
CA LYS B 269 -21.01 17.42 1.98
C LYS B 269 -19.53 17.76 1.94
N PHE B 270 -19.21 19.03 1.70
CA PHE B 270 -17.83 19.48 1.65
C PHE B 270 -17.56 20.52 2.73
N GLY C 1 -2.95 -53.61 -3.67
CA GLY C 1 -1.53 -53.78 -4.09
C GLY C 1 -0.83 -52.45 -4.27
N LEU C 2 0.04 -52.11 -3.32
CA LEU C 2 0.75 -50.83 -3.31
C LEU C 2 2.24 -51.09 -3.14
N PRO C 3 2.89 -51.66 -4.17
CA PRO C 3 4.34 -51.93 -4.10
C PRO C 3 5.20 -50.74 -4.54
N VAL C 4 5.34 -49.77 -3.64
CA VAL C 4 6.09 -48.56 -3.90
C VAL C 4 7.25 -48.47 -2.92
N LEU C 5 8.25 -47.68 -3.29
CA LEU C 5 9.42 -47.45 -2.46
C LEU C 5 9.64 -45.95 -2.33
N ASN C 6 9.72 -45.46 -1.10
CA ASN C 6 9.86 -44.03 -0.86
C ASN C 6 11.33 -43.61 -0.97
N THR C 7 11.57 -42.57 -1.75
CA THR C 7 12.92 -42.08 -1.99
C THR C 7 13.23 -40.92 -1.05
N PRO C 8 14.50 -40.55 -0.93
CA PRO C 8 14.85 -39.40 -0.09
C PRO C 8 14.18 -38.13 -0.59
N GLY C 9 13.92 -37.23 0.35
CA GLY C 9 13.20 -36.01 0.04
C GLY C 9 11.71 -36.09 0.24
N SER C 10 11.19 -37.23 0.69
CA SER C 10 9.76 -37.38 0.91
C SER C 10 9.33 -36.57 2.13
N ASN C 11 8.09 -36.09 2.08
CA ASN C 11 7.47 -35.36 3.19
C ASN C 11 8.21 -34.07 3.52
N GLN C 12 9.00 -33.55 2.59
CA GLN C 12 9.68 -32.28 2.77
C GLN C 12 8.85 -31.17 2.12
N TYR C 13 9.14 -29.94 2.51
CA TYR C 13 8.50 -28.75 1.95
C TYR C 13 9.58 -27.85 1.38
N LEU C 14 9.65 -27.77 0.05
CA LEU C 14 10.56 -26.87 -0.64
C LEU C 14 9.73 -25.73 -1.20
N THR C 15 10.05 -24.50 -0.78
CA THR C 15 9.19 -23.37 -1.10
C THR C 15 9.10 -23.11 -2.59
N SER C 16 10.05 -23.60 -3.38
CA SER C 16 10.05 -23.40 -4.82
C SER C 16 9.53 -24.61 -5.59
N ASP C 17 8.91 -25.57 -4.91
CA ASP C 17 8.36 -26.73 -5.60
C ASP C 17 7.13 -26.34 -6.42
N ASN C 18 6.76 -27.23 -7.33
CA ASN C 18 5.71 -26.96 -8.31
C ASN C 18 4.75 -28.14 -8.41
N HIS C 19 4.27 -28.62 -7.27
CA HIS C 19 3.36 -29.75 -7.22
C HIS C 19 1.91 -29.30 -7.14
N GLN C 20 1.00 -30.25 -7.32
CA GLN C 20 -0.43 -30.00 -7.24
C GLN C 20 -0.92 -30.12 -5.81
N SER C 21 -2.16 -29.69 -5.58
CA SER C 21 -2.75 -29.74 -4.25
C SER C 21 -4.26 -29.63 -4.39
N PRO C 22 -5.03 -30.18 -3.45
CA PRO C 22 -6.49 -30.13 -3.59
C PRO C 22 -7.04 -28.72 -3.45
N CYS C 23 -8.18 -28.49 -4.07
CA CYS C 23 -8.85 -27.20 -4.02
C CYS C 23 -9.78 -27.14 -2.81
N ALA C 24 -9.68 -26.07 -2.04
CA ALA C 24 -10.47 -25.93 -0.83
C ALA C 24 -11.90 -25.50 -1.11
N ILE C 25 -12.17 -24.91 -2.26
CA ILE C 25 -13.50 -24.41 -2.61
C ILE C 25 -13.88 -24.97 -3.97
N PRO C 26 -14.24 -26.24 -4.07
CA PRO C 26 -14.52 -26.83 -5.38
C PRO C 26 -15.75 -26.21 -6.03
N GLU C 27 -15.73 -26.19 -7.37
CA GLU C 27 -16.85 -25.71 -8.17
C GLU C 27 -17.15 -24.23 -7.93
N PHE C 28 -16.13 -23.47 -7.57
CA PHE C 28 -16.30 -22.04 -7.42
C PHE C 28 -16.54 -21.38 -8.76
N ASP C 29 -17.39 -20.35 -8.77
CA ASP C 29 -17.76 -19.65 -10.01
C ASP C 29 -16.84 -18.46 -10.17
N VAL C 30 -15.72 -18.67 -10.86
CA VAL C 30 -14.72 -17.62 -11.01
C VAL C 30 -15.26 -16.50 -11.90
N THR C 31 -14.87 -15.27 -11.60
CA THR C 31 -15.30 -14.13 -12.38
C THR C 31 -14.47 -14.02 -13.65
N PRO C 32 -15.09 -13.95 -14.83
CA PRO C 32 -14.30 -13.90 -16.06
C PRO C 32 -13.47 -12.62 -16.11
N PRO C 33 -12.33 -12.65 -16.79
CA PRO C 33 -11.49 -11.45 -16.88
C PRO C 33 -12.01 -10.48 -17.92
N ILE C 34 -11.43 -9.28 -17.90
CA ILE C 34 -11.67 -8.25 -18.90
C ILE C 34 -10.33 -7.77 -19.42
N ASP C 35 -10.38 -6.82 -20.35
CA ASP C 35 -9.18 -6.31 -21.01
C ASP C 35 -8.77 -5.00 -20.36
N ILE C 36 -8.05 -5.11 -19.25
CA ILE C 36 -7.56 -3.94 -18.53
C ILE C 36 -6.31 -3.42 -19.24
N PRO C 37 -6.23 -2.14 -19.58
CA PRO C 37 -5.03 -1.63 -20.27
C PRO C 37 -3.78 -1.80 -19.41
N GLY C 38 -2.67 -2.07 -20.08
CA GLY C 38 -1.37 -2.04 -19.43
C GLY C 38 -0.99 -3.33 -18.73
N GLU C 39 -0.96 -4.44 -19.46
CA GLU C 39 -0.55 -5.72 -18.91
C GLU C 39 0.95 -5.90 -19.06
N VAL C 40 1.56 -6.55 -18.06
CA VAL C 40 2.99 -6.81 -18.04
C VAL C 40 3.19 -8.32 -18.02
N LYS C 41 4.06 -8.81 -18.90
CA LYS C 41 4.34 -10.24 -19.01
C LYS C 41 5.77 -10.61 -18.64
N ASN C 42 6.63 -9.64 -18.36
CA ASN C 42 8.00 -9.93 -17.96
C ASN C 42 8.52 -8.75 -17.15
N MET C 43 9.35 -9.06 -16.16
CA MET C 43 9.87 -8.01 -15.29
C MET C 43 10.84 -7.09 -16.01
N MET C 44 11.55 -7.61 -17.01
CA MET C 44 12.50 -6.78 -17.75
C MET C 44 11.81 -5.64 -18.49
N GLU C 45 10.52 -5.77 -18.80
CA GLU C 45 9.81 -4.65 -19.41
C GLU C 45 9.84 -3.42 -18.51
N LEU C 46 9.89 -3.62 -17.19
CA LEU C 46 10.00 -2.48 -16.28
C LEU C 46 11.41 -1.90 -16.29
N ALA C 47 12.43 -2.73 -16.48
CA ALA C 47 13.80 -2.27 -16.49
C ALA C 47 14.16 -1.55 -17.78
N GLU C 48 13.31 -1.60 -18.80
CA GLU C 48 13.58 -0.96 -20.08
C GLU C 48 12.95 0.43 -20.18
N ILE C 49 12.40 0.96 -19.09
CA ILE C 49 11.77 2.26 -19.06
C ILE C 49 12.73 3.24 -18.42
N ASP C 50 12.89 4.41 -19.05
CA ASP C 50 13.80 5.42 -18.51
C ASP C 50 13.31 5.92 -17.16
N THR C 51 14.24 6.14 -16.24
CA THR C 51 13.93 6.68 -14.92
C THR C 51 15.08 7.53 -14.45
N MET C 52 14.78 8.62 -13.76
CA MET C 52 15.82 9.55 -13.35
C MET C 52 16.78 8.91 -12.37
N ILE C 53 18.04 9.33 -12.43
CA ILE C 53 19.09 8.85 -11.56
C ILE C 53 19.32 9.90 -10.48
N PRO C 54 19.35 9.53 -9.20
CA PRO C 54 19.76 10.50 -8.17
C PRO C 54 21.26 10.74 -8.21
N LEU C 55 21.69 11.63 -9.09
CA LEU C 55 23.11 11.79 -9.37
C LEU C 55 23.86 12.52 -8.27
N ASN C 56 23.21 13.45 -7.57
CA ASN C 56 23.94 14.33 -6.67
C ASN C 56 24.32 13.63 -5.38
N LEU C 57 23.34 13.23 -4.58
CA LEU C 57 23.57 12.53 -3.32
C LEU C 57 24.69 13.16 -2.50
N GLU C 58 24.75 14.49 -2.46
CA GLU C 58 25.70 15.17 -1.59
C GLU C 58 25.16 15.18 -0.17
N SER C 59 25.90 15.84 0.73
CA SER C 59 25.51 15.85 2.14
C SER C 59 24.15 16.50 2.33
N THR C 60 23.93 17.66 1.71
CA THR C 60 22.69 18.41 1.86
C THR C 60 21.74 18.24 0.69
N LYS C 61 22.07 17.40 -0.29
CA LYS C 61 21.21 17.17 -1.44
C LYS C 61 20.47 15.84 -1.37
N ARG C 62 21.03 14.85 -0.68
CA ARG C 62 20.42 13.53 -0.62
C ARG C 62 19.06 13.60 0.08
N ASN C 63 18.14 12.75 -0.36
CA ASN C 63 16.79 12.69 0.19
C ASN C 63 16.04 14.00 0.02
N THR C 64 16.35 14.72 -1.06
CA THR C 64 15.60 15.90 -1.46
C THR C 64 15.56 15.94 -2.98
N MET C 65 14.64 16.72 -3.52
CA MET C 65 14.49 16.77 -4.97
C MET C 65 15.73 17.32 -5.66
N ASP C 66 16.63 17.97 -4.92
CA ASP C 66 17.87 18.46 -5.51
C ASP C 66 18.83 17.34 -5.90
N MET C 67 18.61 16.12 -5.41
CA MET C 67 19.52 15.02 -5.73
C MET C 67 19.39 14.57 -7.18
N TYR C 68 18.26 14.86 -7.83
CA TYR C 68 18.03 14.41 -9.19
C TYR C 68 18.63 15.33 -10.24
N ARG C 69 19.08 16.53 -9.87
CA ARG C 69 19.49 17.54 -10.83
C ARG C 69 20.96 17.89 -10.60
N VAL C 70 21.72 17.92 -11.70
CA VAL C 70 23.14 18.27 -11.68
C VAL C 70 23.30 19.65 -12.30
N THR C 71 24.00 20.53 -11.59
CA THR C 71 24.11 21.93 -12.00
C THR C 71 25.23 22.12 -13.01
N LEU C 72 24.93 22.85 -14.07
CA LEU C 72 25.91 23.25 -15.07
C LEU C 72 25.97 24.77 -15.11
N SER C 73 27.15 25.30 -15.42
CA SER C 73 27.35 26.74 -15.46
C SER C 73 28.44 27.08 -16.46
N ASP C 74 28.45 28.35 -16.87
CA ASP C 74 29.46 28.83 -17.82
C ASP C 74 30.74 29.31 -17.14
N SER C 75 30.78 29.34 -15.81
CA SER C 75 31.95 29.76 -15.07
C SER C 75 32.70 28.62 -14.42
N ALA C 76 32.21 27.38 -14.56
CA ALA C 76 32.89 26.23 -13.98
C ALA C 76 34.21 25.98 -14.68
N ASP C 77 35.17 25.46 -13.92
CA ASP C 77 36.47 25.13 -14.50
C ASP C 77 36.32 23.98 -15.48
N LEU C 78 36.99 24.09 -16.62
CA LEU C 78 36.81 23.15 -17.72
C LEU C 78 37.69 21.92 -17.61
N SER C 79 38.57 21.85 -16.61
CA SER C 79 39.55 20.79 -16.50
C SER C 79 39.14 19.70 -15.52
N GLN C 80 37.92 19.73 -15.02
CA GLN C 80 37.48 18.75 -14.03
C GLN C 80 36.14 18.15 -14.41
N PRO C 81 35.89 16.91 -13.99
CA PRO C 81 34.67 16.22 -14.44
C PRO C 81 33.41 16.85 -13.86
N ILE C 82 32.30 16.63 -14.57
CA ILE C 82 31.00 17.07 -14.07
C ILE C 82 30.44 16.05 -13.09
N LEU C 83 30.49 14.78 -13.45
CA LEU C 83 30.00 13.71 -12.60
C LEU C 83 30.77 12.44 -12.91
N CYS C 84 30.72 11.49 -11.96
CA CYS C 84 31.42 10.23 -12.09
C CYS C 84 30.58 9.13 -11.45
N LEU C 85 30.52 7.97 -12.11
CA LEU C 85 29.77 6.83 -11.60
C LEU C 85 30.60 5.56 -11.79
N SER C 86 30.20 4.52 -11.07
CA SER C 86 30.74 3.18 -11.24
C SER C 86 29.65 2.29 -11.79
N LEU C 87 29.96 1.56 -12.87
CA LEU C 87 28.96 0.75 -13.55
C LEU C 87 28.67 -0.52 -12.74
N SER C 88 28.00 -0.31 -11.61
CA SER C 88 27.49 -1.40 -10.78
C SER C 88 26.01 -1.09 -10.54
N PRO C 89 25.14 -1.45 -11.49
CA PRO C 89 23.76 -0.95 -11.42
C PRO C 89 23.03 -1.29 -10.14
N ALA C 90 23.31 -2.44 -9.53
CA ALA C 90 22.54 -2.88 -8.37
C ALA C 90 23.13 -2.42 -7.05
N PHE C 91 24.41 -2.05 -7.02
CA PHE C 91 25.08 -1.70 -5.77
C PHE C 91 25.41 -0.24 -5.64
N ASP C 92 25.74 0.45 -6.72
CA ASP C 92 26.11 1.85 -6.62
C ASP C 92 24.97 2.64 -6.00
N PRO C 93 25.23 3.50 -5.01
CA PRO C 93 24.11 4.19 -4.36
C PRO C 93 23.28 5.03 -5.31
N ARG C 94 23.88 5.55 -6.38
CA ARG C 94 23.12 6.36 -7.33
C ARG C 94 22.20 5.50 -8.17
N LEU C 95 22.70 4.37 -8.67
CA LEU C 95 21.92 3.50 -9.55
C LEU C 95 21.14 2.43 -8.80
N SER C 96 21.34 2.29 -7.49
CA SER C 96 20.70 1.19 -6.77
C SER C 96 19.18 1.33 -6.76
N HIS C 97 18.67 2.55 -6.58
CA HIS C 97 17.26 2.77 -6.34
C HIS C 97 16.49 3.19 -7.58
N THR C 98 17.10 3.14 -8.76
CA THR C 98 16.33 3.34 -9.98
C THR C 98 15.51 2.09 -10.28
N MET C 99 14.57 2.24 -11.21
CA MET C 99 13.74 1.09 -11.59
C MET C 99 14.60 -0.08 -12.03
N LEU C 100 15.62 0.19 -12.84
CA LEU C 100 16.57 -0.86 -13.23
C LEU C 100 17.24 -1.46 -12.01
N GLY C 101 17.75 -0.61 -11.11
CA GLY C 101 18.40 -1.13 -9.92
C GLY C 101 17.43 -1.87 -9.00
N GLU C 102 16.21 -1.36 -8.87
CA GLU C 102 15.23 -2.02 -8.02
C GLU C 102 14.90 -3.41 -8.55
N VAL C 103 14.73 -3.54 -9.86
CA VAL C 103 14.47 -4.86 -10.44
C VAL C 103 15.68 -5.76 -10.29
N LEU C 104 16.88 -5.21 -10.48
CA LEU C 104 18.09 -6.02 -10.39
C LEU C 104 18.32 -6.54 -8.98
N ASN C 105 17.95 -5.76 -7.96
CA ASN C 105 18.24 -6.15 -6.59
C ASN C 105 17.49 -7.41 -6.16
N TYR C 106 16.49 -7.85 -6.92
CA TYR C 106 15.83 -9.11 -6.66
C TYR C 106 16.52 -10.30 -7.32
N TYR C 107 17.63 -10.06 -8.02
CA TYR C 107 18.36 -11.11 -8.72
C TYR C 107 19.85 -10.98 -8.41
N THR C 108 20.57 -12.10 -8.49
CA THR C 108 21.98 -12.12 -8.17
C THR C 108 22.87 -11.86 -9.37
N HIS C 109 22.41 -12.19 -10.58
CA HIS C 109 23.22 -12.10 -11.77
C HIS C 109 22.53 -11.23 -12.82
N TRP C 110 23.34 -10.52 -13.61
CA TRP C 110 22.81 -9.66 -14.66
C TRP C 110 23.82 -9.61 -15.80
N ALA C 111 23.32 -9.28 -16.99
CA ALA C 111 24.15 -9.21 -18.18
C ALA C 111 23.37 -8.52 -19.29
N GLY C 112 24.04 -7.62 -20.00
CA GLY C 112 23.42 -6.90 -21.09
C GLY C 112 24.03 -5.52 -21.21
N SER C 113 23.40 -4.70 -22.06
CA SER C 113 23.84 -3.34 -22.32
C SER C 113 22.92 -2.35 -21.62
N LEU C 114 23.45 -1.16 -21.36
CA LEU C 114 22.74 -0.10 -20.66
C LEU C 114 22.73 1.15 -21.51
N LYS C 115 21.71 1.99 -21.30
CA LYS C 115 21.58 3.26 -21.98
C LYS C 115 21.53 4.37 -20.94
N PHE C 116 22.31 5.43 -21.16
CA PHE C 116 22.26 6.63 -20.33
C PHE C 116 21.78 7.78 -21.18
N THR C 117 20.68 8.40 -20.76
CA THR C 117 20.09 9.52 -21.47
C THR C 117 20.12 10.74 -20.57
N PHE C 118 20.60 11.86 -21.09
CA PHE C 118 20.74 13.10 -20.34
C PHE C 118 19.89 14.19 -20.98
N LEU C 119 19.23 14.97 -20.15
CA LEU C 119 18.34 16.04 -20.60
C LEU C 119 18.89 17.37 -20.12
N PHE C 120 18.96 18.34 -21.03
CA PHE C 120 19.47 19.67 -20.73
C PHE C 120 18.29 20.60 -20.47
N CYS C 121 18.21 21.15 -19.26
CA CYS C 121 17.09 21.96 -18.83
C CYS C 121 17.49 23.43 -18.69
N GLY C 122 18.32 23.93 -19.60
CA GLY C 122 18.69 25.32 -19.63
C GLY C 122 17.74 26.13 -20.48
N SER C 123 18.09 27.41 -20.66
CA SER C 123 17.29 28.29 -21.48
C SER C 123 17.51 27.99 -22.96
N MET C 124 16.57 28.44 -23.79
CA MET C 124 16.66 28.19 -25.22
C MET C 124 17.88 28.85 -25.83
N MET C 125 18.38 29.92 -25.22
CA MET C 125 19.51 30.66 -25.76
C MET C 125 20.86 30.09 -25.33
N ALA C 126 20.88 29.16 -24.39
CA ALA C 126 22.13 28.55 -23.96
C ALA C 126 22.58 27.49 -24.95
N THR C 127 23.89 27.34 -25.07
CA THR C 127 24.47 26.39 -26.01
C THR C 127 25.81 25.90 -25.48
N GLY C 128 26.22 24.75 -25.98
CA GLY C 128 27.49 24.17 -25.58
C GLY C 128 27.59 22.73 -26.03
N LYS C 129 28.72 22.12 -25.69
CA LYS C 129 28.98 20.73 -26.00
C LYS C 129 29.52 20.02 -24.76
N ILE C 130 29.25 18.72 -24.68
CA ILE C 130 29.64 17.92 -23.52
C ILE C 130 30.11 16.56 -24.00
N LEU C 131 31.10 16.00 -23.32
CA LEU C 131 31.64 14.68 -23.63
C LEU C 131 31.36 13.75 -22.47
N VAL C 132 30.72 12.62 -22.76
CA VAL C 132 30.41 11.59 -21.78
C VAL C 132 31.04 10.28 -22.25
N ALA C 133 31.81 9.65 -21.38
CA ALA C 133 32.63 8.51 -21.76
C ALA C 133 32.44 7.35 -20.79
N TYR C 134 32.73 6.15 -21.28
CA TYR C 134 32.67 4.92 -20.51
C TYR C 134 33.99 4.19 -20.66
N ALA C 135 34.58 3.79 -19.54
CA ALA C 135 35.90 3.16 -19.54
C ALA C 135 35.80 1.77 -18.92
N PRO C 136 36.05 0.70 -19.66
CA PRO C 136 36.05 -0.61 -19.04
C PRO C 136 37.10 -0.70 -17.96
N PRO C 137 36.91 -1.56 -16.96
CA PRO C 137 37.83 -1.57 -15.82
C PRO C 137 39.22 -2.04 -16.17
N GLY C 138 40.10 -2.11 -15.18
CA GLY C 138 41.46 -2.58 -15.36
C GLY C 138 42.51 -1.49 -15.47
N ALA C 139 42.13 -0.23 -15.30
CA ALA C 139 43.08 0.88 -15.39
C ALA C 139 42.66 1.96 -14.41
N GLN C 140 43.43 3.03 -14.36
CA GLN C 140 43.10 4.14 -13.48
C GLN C 140 41.77 4.74 -13.90
N PRO C 141 40.85 5.00 -12.96
CA PRO C 141 39.59 5.65 -13.33
C PRO C 141 39.88 7.00 -13.98
N PRO C 142 39.14 7.35 -15.03
CA PRO C 142 39.42 8.62 -15.70
C PRO C 142 39.28 9.79 -14.75
N THR C 143 40.18 10.77 -14.90
CA THR C 143 40.15 11.97 -14.08
C THR C 143 40.30 13.24 -14.90
N SER C 144 40.50 13.13 -16.21
CA SER C 144 40.58 14.28 -17.09
C SER C 144 40.10 13.86 -18.48
N ARG C 145 39.65 14.85 -19.25
CA ARG C 145 39.14 14.54 -20.58
C ARG C 145 40.18 13.85 -21.44
N LYS C 146 41.46 14.15 -21.19
CA LYS C 146 42.53 13.54 -21.99
C LYS C 146 42.51 12.02 -21.87
N GLU C 147 42.25 11.50 -20.67
CA GLU C 147 42.16 10.06 -20.49
C GLU C 147 40.77 9.53 -20.81
N ALA C 148 39.73 10.32 -20.53
CA ALA C 148 38.36 9.86 -20.77
C ALA C 148 38.10 9.65 -22.26
N MET C 149 38.68 10.51 -23.11
CA MET C 149 38.42 10.42 -24.53
C MET C 149 39.02 9.17 -25.17
N LEU C 150 39.86 8.43 -24.45
CA LEU C 150 40.42 7.21 -25.02
C LEU C 150 39.39 6.09 -25.06
N GLY C 151 38.55 5.99 -24.03
CA GLY C 151 37.55 4.95 -23.96
C GLY C 151 36.32 5.30 -24.78
N THR C 152 35.31 4.44 -24.67
CA THR C 152 34.05 4.68 -25.36
C THR C 152 33.47 6.01 -24.92
N HIS C 153 33.04 6.83 -25.88
CA HIS C 153 32.54 8.15 -25.54
C HIS C 153 31.63 8.66 -26.64
N VAL C 154 30.83 9.66 -26.29
CA VAL C 154 29.92 10.33 -27.22
C VAL C 154 30.01 11.82 -26.97
N ILE C 155 30.11 12.60 -28.03
CA ILE C 155 30.17 14.06 -27.94
C ILE C 155 28.77 14.60 -28.18
N TRP C 156 28.26 15.33 -27.20
CA TRP C 156 26.87 15.79 -27.20
C TRP C 156 26.83 17.27 -27.53
N ASP C 157 26.04 17.64 -28.54
CA ASP C 157 25.88 19.01 -28.96
C ASP C 157 24.49 19.50 -28.57
N LEU C 158 24.43 20.60 -27.83
CA LEU C 158 23.17 21.13 -27.33
C LEU C 158 22.49 21.92 -28.43
N GLY C 159 21.29 21.48 -28.83
CA GLY C 159 20.54 22.14 -29.88
C GLY C 159 19.04 22.06 -29.66
N LEU C 160 18.29 21.98 -30.76
CA LEU C 160 16.84 21.87 -30.64
C LEU C 160 16.45 20.59 -29.91
N GLN C 161 17.10 19.47 -30.24
CA GLN C 161 16.87 18.21 -29.55
C GLN C 161 17.69 18.20 -28.28
N SER C 162 17.03 18.27 -27.13
CA SER C 162 17.67 18.55 -25.87
C SER C 162 18.20 17.33 -25.15
N SER C 163 18.02 16.13 -25.70
CA SER C 163 18.40 14.89 -25.03
C SER C 163 19.37 14.11 -25.91
N CYS C 164 20.37 13.50 -25.26
CA CYS C 164 21.34 12.66 -25.95
C CYS C 164 21.49 11.35 -25.20
N THR C 165 21.58 10.26 -25.96
CA THR C 165 21.63 8.91 -25.41
C THR C 165 23.01 8.31 -25.63
N MET C 166 23.58 7.75 -24.57
CA MET C 166 24.82 6.99 -24.64
C MET C 166 24.53 5.53 -24.33
N VAL C 167 25.14 4.62 -25.10
CA VAL C 167 24.95 3.19 -24.94
C VAL C 167 26.23 2.61 -24.37
N VAL C 168 26.11 1.90 -23.25
CA VAL C 168 27.25 1.24 -22.60
C VAL C 168 27.28 -0.21 -23.08
N PRO C 169 28.08 -0.54 -24.09
CA PRO C 169 28.02 -1.89 -24.65
C PRO C 169 28.46 -2.94 -23.65
N TRP C 170 27.97 -4.16 -23.85
CA TRP C 170 28.27 -5.29 -22.98
C TRP C 170 29.71 -5.73 -23.23
N ILE C 171 30.62 -5.37 -22.34
CA ILE C 171 32.01 -5.80 -22.39
C ILE C 171 32.35 -6.40 -21.04
N SER C 172 32.63 -7.70 -21.02
CA SER C 172 32.95 -8.38 -19.77
C SER C 172 33.72 -9.65 -20.08
N ASN C 173 34.37 -10.18 -19.06
CA ASN C 173 35.06 -11.47 -19.18
C ASN C 173 34.13 -12.62 -18.80
N VAL C 174 33.28 -12.44 -17.81
CA VAL C 174 32.33 -13.46 -17.38
C VAL C 174 31.04 -13.27 -18.14
N THR C 175 30.32 -14.38 -18.36
CA THR C 175 29.04 -14.30 -19.06
C THR C 175 28.03 -13.46 -18.29
N TYR C 176 27.98 -13.62 -16.97
CA TYR C 176 27.10 -12.86 -16.11
C TYR C 176 27.90 -12.18 -15.03
N ARG C 177 27.57 -10.93 -14.74
CA ARG C 177 28.16 -10.21 -13.63
C ARG C 177 27.31 -10.40 -12.38
N GLN C 178 27.89 -10.07 -11.23
CA GLN C 178 27.18 -10.14 -9.97
C GLN C 178 26.60 -8.78 -9.60
N THR C 179 25.43 -8.81 -8.94
CA THR C 179 24.78 -7.58 -8.52
C THR C 179 25.34 -7.00 -7.23
N THR C 180 26.19 -7.74 -6.53
CA THR C 180 26.79 -7.26 -5.30
C THR C 180 28.12 -6.57 -5.60
N GLN C 181 28.76 -6.06 -4.55
CA GLN C 181 30.06 -5.42 -4.69
C GLN C 181 31.14 -6.48 -4.79
N ASP C 182 31.82 -6.55 -5.93
CA ASP C 182 32.88 -7.53 -6.13
C ASP C 182 33.79 -7.03 -7.24
N SER C 183 35.10 -7.05 -6.98
CA SER C 183 36.05 -6.55 -7.96
C SER C 183 36.24 -7.50 -9.14
N PHE C 184 36.01 -8.80 -8.92
CA PHE C 184 36.22 -9.76 -10.00
C PHE C 184 35.26 -9.53 -11.15
N THR C 185 34.10 -8.94 -10.88
CA THR C 185 33.08 -8.69 -11.90
C THR C 185 32.67 -7.23 -11.91
N GLU C 186 33.64 -6.34 -11.70
CA GLU C 186 33.36 -4.91 -11.74
C GLU C 186 33.02 -4.49 -13.16
N GLY C 187 32.13 -3.50 -13.27
CA GLY C 187 31.58 -3.11 -14.55
C GLY C 187 32.43 -2.13 -15.34
N GLY C 188 32.85 -1.05 -14.70
CA GLY C 188 33.62 -0.02 -15.36
C GLY C 188 33.38 1.32 -14.70
N TYR C 189 33.70 2.38 -15.45
CA TYR C 189 33.60 3.74 -14.94
C TYR C 189 32.94 4.63 -16.00
N ILE C 190 32.11 5.56 -15.52
CA ILE C 190 31.40 6.49 -16.39
C ILE C 190 31.70 7.90 -15.90
N SER C 191 32.03 8.80 -16.83
CA SER C 191 32.42 10.16 -16.49
C SER C 191 31.92 11.11 -17.56
N MET C 192 31.81 12.38 -17.19
CA MET C 192 31.35 13.43 -18.08
C MET C 192 32.26 14.65 -17.94
N PHE C 193 32.59 15.27 -19.06
CA PHE C 193 33.50 16.41 -19.08
C PHE C 193 32.96 17.46 -20.04
N TYR C 194 33.36 18.71 -19.80
CA TYR C 194 33.02 19.79 -20.71
C TYR C 194 33.87 19.71 -21.97
N GLN C 195 33.23 19.82 -23.12
CA GLN C 195 33.89 20.08 -24.38
C GLN C 195 33.43 21.45 -24.86
N THR C 196 34.37 22.37 -25.04
CA THR C 196 34.03 23.78 -25.16
C THR C 196 33.50 24.24 -23.81
N ARG C 197 32.33 24.87 -23.77
CA ARG C 197 31.71 25.27 -22.51
C ARG C 197 30.29 25.73 -22.79
N ILE C 198 29.57 26.06 -21.73
CA ILE C 198 28.24 26.64 -21.85
C ILE C 198 28.37 28.13 -22.10
N VAL C 199 27.73 28.62 -23.17
CA VAL C 199 27.79 30.02 -23.54
C VAL C 199 26.37 30.58 -23.56
N VAL C 200 26.17 31.69 -22.88
CA VAL C 200 24.86 32.34 -22.83
C VAL C 200 25.02 33.82 -23.11
N PRO C 201 24.03 34.49 -23.68
CA PRO C 201 24.09 35.93 -23.88
C PRO C 201 23.74 36.67 -22.59
N LEU C 202 23.67 37.99 -22.69
CA LEU C 202 23.33 38.81 -21.53
C LEU C 202 21.87 38.63 -21.16
N SER C 203 21.56 38.92 -19.90
CA SER C 203 20.20 38.82 -19.39
C SER C 203 19.63 37.41 -19.58
N THR C 204 20.48 36.40 -19.33
CA THR C 204 20.09 35.01 -19.39
C THR C 204 20.68 34.32 -18.16
N PRO C 205 19.99 33.34 -17.59
CA PRO C 205 20.56 32.64 -16.44
C PRO C 205 21.88 31.98 -16.81
N LYS C 206 22.87 32.14 -15.93
CA LYS C 206 24.22 31.65 -16.22
C LYS C 206 24.47 30.24 -15.68
N SER C 207 23.53 29.68 -14.92
CA SER C 207 23.66 28.32 -14.41
C SER C 207 22.33 27.61 -14.61
N MET C 208 22.39 26.34 -14.99
CA MET C 208 21.21 25.56 -15.30
C MET C 208 21.43 24.12 -14.85
N SER C 209 20.34 23.38 -14.78
CA SER C 209 20.35 22.00 -14.30
C SER C 209 20.37 21.02 -15.47
N MET C 210 20.71 19.77 -15.15
CA MET C 210 20.71 18.69 -16.12
C MET C 210 20.21 17.43 -15.44
N LEU C 211 19.42 16.64 -16.15
CA LEU C 211 18.83 15.43 -15.61
C LEU C 211 19.35 14.22 -16.38
N GLY C 212 19.45 13.09 -15.68
CA GLY C 212 19.95 11.88 -16.28
C GLY C 212 18.98 10.72 -16.09
N PHE C 213 18.96 9.83 -17.08
CA PHE C 213 18.08 8.68 -17.07
C PHE C 213 18.87 7.42 -17.41
N VAL C 214 18.39 6.29 -16.93
CA VAL C 214 19.05 5.00 -17.14
C VAL C 214 18.01 3.96 -17.49
N SER C 215 18.35 3.07 -18.43
CA SER C 215 17.47 1.99 -18.82
C SER C 215 18.32 0.90 -19.47
N ALA C 216 17.71 -0.27 -19.64
CA ALA C 216 18.38 -1.43 -20.19
C ALA C 216 18.03 -1.62 -21.66
N CYS C 217 18.98 -2.16 -22.42
CA CYS C 217 18.75 -2.44 -23.83
C CYS C 217 17.89 -3.68 -23.98
N ASN C 218 17.68 -4.12 -25.21
CA ASN C 218 16.83 -5.26 -25.50
C ASN C 218 17.55 -6.60 -25.36
N ASP C 219 18.82 -6.60 -24.99
CA ASP C 219 19.57 -7.83 -24.75
C ASP C 219 19.93 -8.00 -23.28
N PHE C 220 19.20 -7.35 -22.39
CA PHE C 220 19.47 -7.40 -20.95
C PHE C 220 18.65 -8.52 -20.31
N SER C 221 19.25 -9.17 -19.30
CA SER C 221 18.55 -10.26 -18.63
C SER C 221 19.19 -10.52 -17.27
N VAL C 222 18.40 -11.17 -16.41
CA VAL C 222 18.84 -11.63 -15.10
C VAL C 222 18.40 -13.09 -14.95
N ARG C 223 19.10 -13.84 -14.12
CA ARG C 223 18.91 -15.29 -14.15
C ARG C 223 18.79 -16.01 -12.82
N LEU C 224 19.06 -15.40 -11.67
CA LEU C 224 18.95 -16.09 -10.39
C LEU C 224 18.23 -15.20 -9.39
N LEU C 225 17.04 -15.63 -8.97
CA LEU C 225 16.20 -14.84 -8.08
C LEU C 225 16.68 -14.94 -6.64
N ARG C 226 16.62 -13.82 -5.92
CA ARG C 226 16.97 -13.77 -4.52
C ARG C 226 16.06 -12.77 -3.82
N ASP C 227 16.39 -12.45 -2.59
CA ASP C 227 15.65 -11.48 -1.80
C ASP C 227 16.37 -10.14 -1.81
N THR C 228 15.64 -9.08 -1.49
CA THR C 228 16.14 -7.72 -1.60
C THR C 228 16.45 -7.15 -0.22
N THR C 229 17.44 -6.27 -0.17
CA THR C 229 17.85 -5.60 1.06
C THR C 229 17.24 -4.21 1.20
N HIS C 230 16.35 -3.81 0.30
CA HIS C 230 15.77 -2.47 0.31
C HIS C 230 14.53 -2.37 1.19
N ILE C 231 14.06 -3.48 1.76
CA ILE C 231 12.89 -3.48 2.62
C ILE C 231 13.22 -4.25 3.90
N SER C 232 12.83 -3.69 5.04
CA SER C 232 13.13 -4.28 6.33
C SER C 232 11.89 -4.20 7.21
N GLN C 233 11.82 -5.10 8.19
CA GLN C 233 10.71 -5.16 9.14
C GLN C 233 11.28 -5.35 10.53
N SER C 234 10.94 -4.44 11.44
CA SER C 234 11.40 -4.52 12.81
C SER C 234 10.42 -5.33 13.65
N ALA C 235 10.91 -5.81 14.79
CA ALA C 235 10.09 -6.61 15.70
C ALA C 235 8.88 -5.81 16.17
N GLY D 1 -4.67 -39.64 -20.22
CA GLY D 1 -4.63 -38.31 -20.91
C GLY D 1 -3.48 -37.45 -20.42
N ALA D 2 -2.25 -37.92 -20.63
CA ALA D 2 -1.06 -37.23 -20.17
C ALA D 2 -0.57 -36.25 -21.22
N GLN D 3 0.31 -35.35 -20.79
CA GLN D 3 0.91 -34.34 -21.66
C GLN D 3 2.42 -34.44 -21.57
N VAL D 4 3.08 -34.49 -22.72
CA VAL D 4 4.53 -34.61 -22.79
C VAL D 4 5.09 -33.37 -23.46
N SER D 5 6.11 -32.77 -22.85
CA SER D 5 6.75 -31.58 -23.36
C SER D 5 8.27 -31.78 -23.31
N SER D 6 8.98 -30.89 -24.00
CA SER D 6 10.43 -30.98 -24.09
C SER D 6 11.08 -30.10 -23.02
N GLN D 7 12.14 -30.61 -22.42
CA GLN D 7 12.93 -29.87 -21.45
C GLN D 7 14.01 -29.06 -22.15
N LYS D 8 14.38 -27.93 -21.53
CA LYS D 8 15.49 -27.12 -22.02
C LYS D 8 16.74 -27.57 -21.28
N VAL D 9 17.47 -28.51 -21.90
CA VAL D 9 18.62 -29.11 -21.24
C VAL D 9 19.74 -28.08 -21.11
N GLY D 10 20.28 -27.94 -19.91
CA GLY D 10 21.38 -27.03 -19.67
C GLY D 10 22.73 -27.72 -19.66
N ALA D 11 22.81 -28.84 -18.96
CA ALA D 11 24.02 -29.65 -18.88
C ALA D 11 23.75 -31.02 -19.49
N HIS D 12 24.71 -31.49 -20.29
CA HIS D 12 24.59 -32.75 -21.01
C HIS D 12 25.57 -33.78 -20.47
N GLU D 13 25.18 -35.04 -20.54
CA GLU D 13 26.04 -36.14 -20.11
C GLU D 13 27.11 -36.41 -21.16
N ASN D 14 27.85 -37.50 -20.99
CA ASN D 14 28.86 -37.90 -21.95
C ASN D 14 29.94 -36.82 -22.09
N THR D 23 15.59 -32.52 -26.43
CA THR D 23 15.52 -33.91 -26.87
C THR D 23 15.15 -34.84 -25.71
N ILE D 24 14.87 -34.26 -24.56
CA ILE D 24 14.45 -34.99 -23.38
C ILE D 24 13.06 -34.50 -22.98
N ASN D 25 12.15 -35.44 -22.75
CA ASN D 25 10.76 -35.13 -22.48
C ASN D 25 10.42 -35.41 -21.02
N TYR D 26 9.36 -34.76 -20.55
CA TYR D 26 8.81 -35.00 -19.23
C TYR D 26 7.30 -35.05 -19.32
N THR D 27 6.68 -35.80 -18.41
CA THR D 27 5.25 -36.07 -18.45
C THR D 27 4.53 -35.37 -17.30
N THR D 28 3.31 -34.93 -17.57
CA THR D 28 2.49 -34.25 -16.58
C THR D 28 1.04 -34.71 -16.74
N ILE D 29 0.38 -34.94 -15.61
CA ILE D 29 -1.02 -35.34 -15.60
C ILE D 29 -1.73 -34.54 -14.50
N ASN D 30 -2.96 -34.13 -14.78
CA ASN D 30 -3.79 -33.41 -13.83
C ASN D 30 -4.75 -34.37 -13.17
N TYR D 31 -4.80 -34.35 -11.84
CA TYR D 31 -5.60 -35.29 -11.07
C TYR D 31 -6.84 -34.68 -10.44
N TYR D 32 -7.01 -33.36 -10.52
CA TYR D 32 -8.11 -32.66 -9.86
C TYR D 32 -8.93 -31.92 -10.89
N LYS D 33 -10.26 -31.93 -10.71
CA LYS D 33 -11.14 -31.25 -11.65
C LYS D 33 -10.92 -29.75 -11.64
N ASP D 34 -10.76 -29.16 -10.46
CA ASP D 34 -10.65 -27.72 -10.35
C ASP D 34 -9.33 -27.23 -10.93
N SER D 35 -9.39 -26.18 -11.75
CA SER D 35 -8.18 -25.68 -12.39
C SER D 35 -7.20 -25.08 -11.38
N ALA D 36 -7.70 -24.63 -10.23
CA ALA D 36 -6.82 -24.03 -9.24
C ALA D 36 -5.82 -25.03 -8.67
N SER D 37 -6.08 -26.33 -8.82
CA SER D 37 -5.19 -27.35 -8.30
C SER D 37 -4.03 -27.66 -9.24
N ASN D 38 -4.09 -27.19 -10.49
CA ASN D 38 -3.03 -27.49 -11.44
C ASN D 38 -1.74 -26.79 -11.04
N ALA D 39 -0.61 -27.40 -11.42
CA ALA D 39 0.68 -26.78 -11.22
C ALA D 39 0.98 -25.80 -12.35
N ALA D 40 1.86 -24.85 -12.06
CA ALA D 40 2.21 -23.84 -13.06
C ALA D 40 2.98 -24.49 -14.20
N SER D 41 2.57 -24.20 -15.43
CA SER D 41 3.25 -24.75 -16.60
C SER D 41 4.56 -24.02 -16.88
N LYS D 42 4.62 -22.72 -16.62
CA LYS D 42 5.84 -21.93 -16.82
C LYS D 42 6.32 -22.03 -18.27
N GLN D 43 5.39 -22.03 -19.21
CA GLN D 43 5.69 -22.01 -20.63
C GLN D 43 5.31 -20.69 -21.29
N ASP D 44 5.06 -19.65 -20.50
CA ASP D 44 4.61 -18.39 -21.06
C ASP D 44 5.76 -17.69 -21.81
N TYR D 45 5.37 -16.77 -22.69
CA TYR D 45 6.31 -16.03 -23.52
C TYR D 45 6.07 -14.54 -23.36
N SER D 46 7.13 -13.76 -23.56
CA SER D 46 7.09 -12.32 -23.32
C SER D 46 6.35 -11.60 -24.44
N GLN D 47 6.33 -10.27 -24.35
CA GLN D 47 5.63 -9.43 -25.32
C GLN D 47 6.53 -8.26 -25.67
N ASP D 48 5.96 -7.29 -26.37
CA ASP D 48 6.67 -6.09 -26.79
C ASP D 48 6.43 -4.98 -25.77
N PRO D 49 7.47 -4.40 -25.17
CA PRO D 49 7.25 -3.31 -24.20
C PRO D 49 6.93 -1.96 -24.82
N SER D 50 6.58 -1.92 -26.11
CA SER D 50 6.32 -0.64 -26.76
C SER D 50 5.19 0.13 -26.08
N LYS D 51 4.26 -0.57 -25.44
CA LYS D 51 3.16 0.12 -24.78
C LYS D 51 3.63 0.99 -23.62
N PHE D 52 4.80 0.69 -23.05
CA PHE D 52 5.38 1.50 -21.99
C PHE D 52 6.53 2.37 -22.48
N THR D 53 7.40 1.82 -23.33
CA THR D 53 8.57 2.59 -23.76
C THR D 53 8.21 3.63 -24.81
N GLU D 54 7.28 3.32 -25.71
CA GLU D 54 6.91 4.20 -26.80
C GLU D 54 5.38 4.29 -26.90
N PRO D 55 4.75 4.96 -25.93
CA PRO D 55 3.30 5.15 -25.98
C PRO D 55 2.84 6.29 -26.86
N LEU D 56 3.69 6.81 -27.74
CA LEU D 56 3.36 7.97 -28.55
C LEU D 56 2.25 7.65 -29.54
N LYS D 57 1.56 8.70 -29.98
CA LYS D 57 0.51 8.52 -30.98
C LYS D 57 1.10 8.33 -32.37
N ASP D 58 2.05 9.19 -32.74
CA ASP D 58 2.74 9.09 -34.03
C ASP D 58 4.14 8.55 -33.77
N VAL D 59 4.26 7.23 -33.78
CA VAL D 59 5.55 6.60 -33.53
C VAL D 59 6.52 6.93 -34.66
N LEU D 60 7.72 7.37 -34.31
CA LEU D 60 8.74 7.74 -35.26
C LEU D 60 9.93 6.82 -35.13
N ILE D 61 10.58 6.54 -36.27
CA ILE D 61 11.77 5.70 -36.26
C ILE D 61 12.89 6.39 -35.50
N LYS D 62 13.77 5.59 -34.90
CA LYS D 62 14.81 6.14 -34.03
C LYS D 62 15.76 7.04 -34.80
N THR D 63 16.13 6.64 -36.02
CA THR D 63 17.08 7.43 -36.80
C THR D 63 16.54 8.81 -37.13
N ALA D 64 15.22 8.94 -37.28
CA ALA D 64 14.65 10.23 -37.62
C ALA D 64 14.66 11.15 -36.40
N PRO D 65 14.65 12.47 -36.62
CA PRO D 65 14.61 13.39 -35.49
C PRO D 65 13.33 13.22 -34.68
N ALA D 66 13.46 13.39 -33.36
CA ALA D 66 12.34 13.21 -32.45
C ALA D 66 11.33 14.35 -32.51
N LEU D 67 11.66 15.45 -33.15
CA LEU D 67 10.77 16.60 -33.23
C LEU D 67 10.70 17.15 -34.65
N GLU E 1 -25.81 -16.10 45.66
CA GLU E 1 -25.89 -15.68 44.26
C GLU E 1 -24.52 -15.23 43.76
N VAL E 2 -24.34 -15.23 42.44
CA VAL E 2 -23.09 -14.81 41.83
C VAL E 2 -23.00 -13.28 41.90
N GLN E 3 -22.27 -12.77 42.89
CA GLN E 3 -22.17 -11.34 43.10
C GLN E 3 -20.84 -11.01 43.75
N LEU E 4 -20.42 -9.76 43.58
CA LEU E 4 -19.20 -9.24 44.19
C LEU E 4 -19.58 -8.15 45.18
N VAL E 5 -19.02 -8.23 46.38
CA VAL E 5 -19.34 -7.31 47.46
C VAL E 5 -18.07 -6.55 47.84
N GLN E 6 -18.13 -5.23 47.81
CA GLN E 6 -17.03 -4.36 48.20
C GLN E 6 -17.34 -3.69 49.52
N SER E 7 -16.31 -3.09 50.11
CA SER E 7 -16.49 -2.31 51.31
C SER E 7 -17.14 -0.96 50.97
N GLY E 8 -17.75 -0.35 51.98
CA GLY E 8 -18.36 0.95 51.81
C GLY E 8 -17.32 2.02 51.55
N ALA E 9 -17.70 3.29 51.73
CA ALA E 9 -16.76 4.38 51.48
C ALA E 9 -15.55 4.26 52.41
N GLU E 10 -14.39 4.59 51.87
CA GLU E 10 -13.14 4.58 52.61
C GLU E 10 -12.49 5.95 52.56
N VAL E 11 -11.87 6.35 53.66
CA VAL E 11 -11.27 7.67 53.79
C VAL E 11 -9.84 7.51 54.28
N LYS E 12 -8.92 8.22 53.63
CA LYS E 12 -7.53 8.28 54.07
C LYS E 12 -6.97 9.65 53.74
N LYS E 13 -5.94 10.04 54.49
CA LYS E 13 -5.33 11.35 54.29
C LYS E 13 -4.27 11.29 53.19
N SER E 14 -4.01 12.45 52.60
CA SER E 14 -3.07 12.53 51.49
C SER E 14 -1.69 12.02 51.91
N GLY E 15 -1.04 11.29 51.00
CA GLY E 15 0.29 10.77 51.24
C GLY E 15 0.33 9.40 51.87
N GLU E 16 -0.81 8.85 52.28
CA GLU E 16 -0.87 7.54 52.90
C GLU E 16 -1.26 6.48 51.87
N SER E 17 -1.18 5.22 52.30
CA SER E 17 -1.54 4.09 51.47
C SER E 17 -2.90 3.54 51.87
N LEU E 18 -3.76 3.33 50.88
CA LEU E 18 -5.12 2.85 51.10
C LEU E 18 -5.28 1.50 50.45
N LYS E 19 -6.17 0.68 51.02
CA LYS E 19 -6.43 -0.66 50.53
C LYS E 19 -7.91 -0.98 50.66
N ILE E 20 -8.52 -1.42 49.56
CA ILE E 20 -9.93 -1.79 49.53
C ILE E 20 -10.04 -3.19 48.96
N SER E 21 -11.12 -3.87 49.32
CA SER E 21 -11.27 -5.30 49.03
C SER E 21 -12.58 -5.54 48.28
N CYS E 22 -12.58 -6.62 47.49
CA CYS E 22 -13.76 -7.05 46.73
C CYS E 22 -13.89 -8.56 46.91
N LYS E 23 -14.95 -8.98 47.59
CA LYS E 23 -15.15 -10.38 47.95
C LYS E 23 -16.26 -10.99 47.10
N ALA E 24 -16.01 -12.20 46.61
CA ALA E 24 -16.96 -12.93 45.78
C ALA E 24 -17.72 -13.95 46.62
N SER E 25 -18.94 -14.25 46.18
CA SER E 25 -19.81 -15.17 46.90
C SER E 25 -20.43 -16.16 45.91
N GLY E 26 -20.58 -17.40 46.35
CA GLY E 26 -21.26 -18.42 45.59
C GLY E 26 -20.42 -19.15 44.57
N TYR E 27 -19.11 -18.89 44.50
CA TYR E 27 -18.25 -19.57 43.54
C TYR E 27 -16.80 -19.37 43.97
N HIS E 28 -15.92 -20.15 43.36
CA HIS E 28 -14.50 -19.99 43.61
C HIS E 28 -14.02 -18.67 43.02
N PHE E 29 -13.31 -17.88 43.82
CA PHE E 29 -13.01 -16.51 43.41
C PHE E 29 -12.11 -16.46 42.19
N THR E 30 -11.08 -17.31 42.14
CA THR E 30 -10.05 -17.22 41.13
C THR E 30 -10.36 -18.06 39.89
N SER E 31 -11.64 -18.26 39.59
CA SER E 31 -12.00 -18.95 38.35
C SER E 31 -11.54 -18.17 37.13
N TYR E 32 -11.66 -16.84 37.17
CA TYR E 32 -11.26 -16.01 36.06
C TYR E 32 -10.75 -14.68 36.60
N TRP E 33 -10.36 -13.80 35.68
CA TRP E 33 -9.65 -12.57 36.01
C TRP E 33 -10.55 -11.60 36.77
N ILE E 34 -9.91 -10.65 37.45
CA ILE E 34 -10.59 -9.59 38.19
C ILE E 34 -10.09 -8.25 37.67
N GLY E 35 -11.02 -7.38 37.32
CA GLY E 35 -10.69 -6.05 36.82
C GLY E 35 -11.17 -4.98 37.77
N TRP E 36 -10.39 -3.90 37.86
CA TRP E 36 -10.70 -2.77 38.72
C TRP E 36 -10.92 -1.53 37.86
N VAL E 37 -12.02 -0.83 38.11
CA VAL E 37 -12.46 0.29 37.28
C VAL E 37 -12.67 1.50 38.18
N ARG E 38 -12.21 2.66 37.71
CA ARG E 38 -12.32 3.91 38.45
C ARG E 38 -13.27 4.87 37.73
N GLN E 39 -13.92 5.73 38.51
CA GLN E 39 -14.83 6.74 37.97
C GLN E 39 -14.71 8.00 38.83
N MET E 40 -14.00 9.00 38.32
CA MET E 40 -13.95 10.29 39.01
C MET E 40 -15.31 10.97 38.89
N PRO E 41 -15.64 11.86 39.84
CA PRO E 41 -16.98 12.48 39.82
C PRO E 41 -17.31 13.15 38.49
N GLY E 42 -18.43 12.77 37.90
CA GLY E 42 -18.91 13.39 36.68
C GLY E 42 -18.17 13.01 35.42
N LYS E 43 -17.32 12.00 35.47
CA LYS E 43 -16.53 11.57 34.32
C LYS E 43 -16.84 10.11 33.98
N GLY E 44 -16.39 9.69 32.80
CA GLY E 44 -16.54 8.31 32.42
C GLY E 44 -15.58 7.40 33.17
N LEU E 45 -15.87 6.11 33.12
CA LEU E 45 -15.07 5.14 33.84
C LEU E 45 -13.71 4.96 33.15
N GLU E 46 -12.75 4.41 33.90
CA GLU E 46 -11.40 4.25 33.41
C GLU E 46 -10.80 2.95 33.92
N TRP E 47 -9.82 2.45 33.17
CA TRP E 47 -9.12 1.22 33.50
C TRP E 47 -8.10 1.43 34.62
N MET E 48 -7.93 0.41 35.45
CA MET E 48 -6.85 0.37 36.44
C MET E 48 -6.02 -0.90 36.38
N GLY E 49 -6.63 -2.05 36.14
CA GLY E 49 -5.89 -3.29 36.07
C GLY E 49 -6.80 -4.47 35.80
N PHE E 50 -6.18 -5.54 35.31
CA PHE E 50 -6.85 -6.81 35.08
C PHE E 50 -5.94 -7.92 35.56
N ILE E 51 -6.22 -8.46 36.75
CA ILE E 51 -5.28 -9.28 37.49
C ILE E 51 -5.84 -10.69 37.68
N TYR E 52 -4.95 -11.61 38.02
CA TYR E 52 -5.26 -13.02 38.17
C TYR E 52 -4.14 -13.66 38.99
N PRO E 53 -4.46 -14.51 39.97
CA PRO E 53 -3.42 -14.92 40.94
C PRO E 53 -2.27 -15.70 40.31
N GLY E 54 -2.44 -16.24 39.10
CA GLY E 54 -1.38 -17.03 38.50
C GLY E 54 -0.07 -16.28 38.39
N ASP E 55 -0.14 -14.99 38.04
CA ASP E 55 1.04 -14.14 37.96
C ASP E 55 0.86 -12.80 38.66
N SER E 56 -0.32 -12.51 39.21
CA SER E 56 -0.57 -11.24 39.88
C SER E 56 -0.21 -10.06 38.98
N ASP E 57 -0.82 -10.05 37.80
CA ASP E 57 -0.53 -9.00 36.82
C ASP E 57 -1.12 -7.67 37.27
N THR E 58 -0.30 -6.86 37.94
CA THR E 58 -0.69 -5.52 38.36
C THR E 58 -0.40 -4.56 37.20
N ARG E 59 -1.32 -4.54 36.25
CA ARG E 59 -1.19 -3.70 35.06
C ARG E 59 -1.62 -2.28 35.42
N TYR E 60 -0.64 -1.43 35.72
CA TYR E 60 -0.93 -0.11 36.28
C TYR E 60 -1.46 0.83 35.20
N GLY E 61 -2.02 1.95 35.65
CA GLY E 61 -2.43 3.01 34.77
C GLY E 61 -1.23 3.75 34.21
N PRO E 62 -1.31 4.23 32.97
CA PRO E 62 -0.14 4.88 32.37
C PRO E 62 0.40 6.04 33.21
N SER E 63 -0.48 6.80 33.84
CA SER E 63 -0.07 7.95 34.66
C SER E 63 0.09 7.61 36.13
N PHE E 64 -0.08 6.34 36.51
CA PHE E 64 -0.01 5.90 37.90
C PHE E 64 0.85 4.66 38.01
N GLN E 65 2.02 4.70 37.37
CA GLN E 65 2.93 3.56 37.40
C GLN E 65 3.41 3.29 38.82
N GLY E 66 2.99 2.16 39.39
CA GLY E 66 3.39 1.75 40.71
C GLY E 66 2.46 2.18 41.82
N GLN E 67 1.81 3.34 41.69
CA GLN E 67 0.95 3.81 42.77
C GLN E 67 -0.19 2.83 43.03
N VAL E 68 -0.85 2.37 41.97
CA VAL E 68 -1.99 1.46 42.09
C VAL E 68 -1.48 0.04 41.93
N SER E 69 -1.84 -0.83 42.88
CA SER E 69 -1.45 -2.22 42.85
C SER E 69 -2.65 -3.08 43.19
N ILE E 70 -2.64 -4.32 42.69
CA ILE E 70 -3.75 -5.24 42.85
C ILE E 70 -3.20 -6.60 43.28
N SER E 71 -4.04 -7.37 43.97
CA SER E 71 -3.67 -8.70 44.42
C SER E 71 -4.92 -9.51 44.70
N ALA E 72 -4.75 -10.82 44.77
CA ALA E 72 -5.85 -11.74 45.03
C ALA E 72 -5.48 -12.70 46.14
N ASP E 73 -6.48 -13.10 46.93
CA ASP E 73 -6.30 -14.01 48.05
C ASP E 73 -7.28 -15.16 47.90
N LYS E 74 -6.75 -16.36 47.66
CA LYS E 74 -7.62 -17.52 47.46
C LYS E 74 -8.34 -17.92 48.74
N SER E 75 -7.65 -17.81 49.88
CA SER E 75 -8.23 -18.28 51.14
C SER E 75 -9.52 -17.55 51.47
N SER E 76 -9.52 -16.22 51.32
CA SER E 76 -10.68 -15.41 51.64
C SER E 76 -11.59 -15.16 50.43
N SER E 77 -11.22 -15.66 49.25
CA SER E 77 -12.00 -15.43 48.03
C SER E 77 -12.22 -13.93 47.83
N THR E 78 -11.14 -13.17 47.94
CA THR E 78 -11.21 -11.71 47.89
C THR E 78 -9.99 -11.17 47.15
N ALA E 79 -10.21 -10.07 46.44
CA ALA E 79 -9.15 -9.33 45.77
C ALA E 79 -9.06 -7.93 46.37
N TYR E 80 -7.85 -7.36 46.33
CA TYR E 80 -7.58 -6.09 46.99
C TYR E 80 -6.93 -5.12 46.01
N LEU E 81 -7.39 -3.87 46.06
CA LEU E 81 -6.78 -2.78 45.32
C LEU E 81 -6.06 -1.87 46.30
N GLN E 82 -4.81 -1.54 45.99
CA GLN E 82 -3.94 -0.83 46.91
C GLN E 82 -3.32 0.39 46.24
N TRP E 83 -3.27 1.49 46.98
CA TRP E 83 -2.58 2.70 46.56
C TRP E 83 -1.37 2.93 47.46
N SER E 84 -0.24 3.31 46.85
CA SER E 84 0.97 3.53 47.64
C SER E 84 0.99 4.92 48.26
N ARG E 85 0.67 5.95 47.48
CA ARG E 85 0.70 7.33 47.96
C ARG E 85 -0.50 8.07 47.36
N LEU E 86 -1.51 8.31 48.19
CA LEU E 86 -2.72 8.96 47.71
C LEU E 86 -2.43 10.40 47.28
N LYS E 87 -3.25 10.88 46.35
CA LYS E 87 -3.18 12.25 45.88
C LYS E 87 -4.59 12.82 45.78
N ALA E 88 -4.66 14.13 45.59
CA ALA E 88 -5.96 14.78 45.45
C ALA E 88 -6.72 14.29 44.21
N SER E 89 -6.01 13.78 43.21
CA SER E 89 -6.62 13.33 41.98
C SER E 89 -7.14 11.89 42.06
N ASP E 90 -6.89 11.19 43.16
CA ASP E 90 -7.37 9.83 43.34
C ASP E 90 -8.76 9.76 43.94
N THR E 91 -9.39 10.91 44.19
CA THR E 91 -10.76 10.94 44.70
C THR E 91 -11.70 10.48 43.59
N ALA E 92 -12.20 9.25 43.71
CA ALA E 92 -13.06 8.67 42.68
C ALA E 92 -13.82 7.50 43.29
N MET E 93 -14.69 6.91 42.47
CA MET E 93 -15.48 5.75 42.84
C MET E 93 -14.89 4.53 42.14
N TYR E 94 -14.61 3.48 42.90
CA TYR E 94 -13.91 2.30 42.40
C TYR E 94 -14.84 1.10 42.41
N PHE E 95 -14.87 0.38 41.28
CA PHE E 95 -15.72 -0.80 41.11
C PHE E 95 -14.85 -1.99 40.74
N CYS E 96 -15.18 -3.15 41.28
CA CYS E 96 -14.53 -4.41 40.94
C CYS E 96 -15.45 -5.23 40.05
N ALA E 97 -14.88 -5.82 38.99
CA ALA E 97 -15.65 -6.52 37.98
C ALA E 97 -15.06 -7.91 37.76
N ARG E 98 -15.80 -8.73 37.02
CA ARG E 98 -15.39 -10.10 36.74
C ARG E 98 -16.33 -10.69 35.71
N HIS E 99 -15.78 -11.49 34.79
CA HIS E 99 -16.58 -12.18 33.79
C HIS E 99 -16.78 -13.63 34.19
N GLY E 100 -17.97 -14.15 33.94
CA GLY E 100 -18.32 -15.50 34.35
C GLY E 100 -17.45 -16.57 33.73
N GLY E 101 -16.76 -16.25 32.64
CA GLY E 101 -15.84 -17.18 32.01
C GLY E 101 -15.95 -17.16 30.50
N PHE E 102 -15.97 -18.34 29.88
CA PHE E 102 -16.17 -18.53 28.45
C PHE E 102 -14.98 -18.07 27.63
N ALA E 103 -13.90 -17.59 28.27
CA ALA E 103 -12.77 -17.01 27.56
C ALA E 103 -11.79 -18.11 27.18
N SER E 104 -11.55 -18.27 25.87
CA SER E 104 -10.63 -19.28 25.38
C SER E 104 -9.78 -18.81 24.21
N SER E 105 -9.87 -17.55 23.80
CA SER E 105 -9.23 -17.09 22.56
C SER E 105 -7.91 -16.38 22.84
N LEU E 106 -7.01 -16.48 21.87
CA LEU E 106 -5.82 -15.63 21.85
C LEU E 106 -6.16 -14.21 21.48
N TYR E 107 -7.34 -13.95 20.95
CA TYR E 107 -7.66 -12.66 20.36
C TYR E 107 -9.05 -12.27 20.86
N SER E 108 -9.58 -11.16 20.34
CA SER E 108 -10.75 -10.52 20.93
C SER E 108 -11.96 -11.44 21.02
N SER E 109 -12.05 -12.46 20.16
CA SER E 109 -13.29 -13.21 20.03
C SER E 109 -13.79 -13.73 21.38
N SER E 110 -12.92 -14.37 22.14
CA SER E 110 -13.30 -14.98 23.41
C SER E 110 -12.25 -14.69 24.48
N PHE E 111 -11.86 -13.42 24.61
CA PHE E 111 -11.08 -12.95 25.76
C PHE E 111 -11.95 -11.83 26.33
N ARG E 112 -12.89 -12.21 27.20
CA ARG E 112 -14.15 -11.50 27.37
C ARG E 112 -14.05 -10.42 28.43
N PRO E 113 -15.01 -9.49 28.42
CA PRO E 113 -15.10 -8.47 29.47
C PRO E 113 -16.02 -8.93 30.58
N PRO E 114 -16.04 -8.22 31.72
CA PRO E 114 -16.88 -8.67 32.84
C PRO E 114 -18.37 -8.48 32.56
N ASP E 115 -19.16 -9.24 33.32
CA ASP E 115 -20.61 -9.11 33.30
C ASP E 115 -21.23 -8.94 34.68
N TYR E 116 -20.46 -9.01 35.75
CA TYR E 116 -20.94 -8.79 37.10
C TYR E 116 -20.06 -7.76 37.80
N TRP E 117 -20.68 -6.85 38.54
CA TRP E 117 -20.01 -5.72 39.14
C TRP E 117 -20.24 -5.70 40.64
N GLY E 118 -19.32 -5.06 41.35
CA GLY E 118 -19.55 -4.72 42.75
C GLY E 118 -20.35 -3.44 42.88
N GLN E 119 -20.77 -3.16 44.11
CA GLN E 119 -21.56 -1.96 44.35
C GLN E 119 -20.72 -0.69 44.37
N GLY E 120 -19.40 -0.82 44.40
CA GLY E 120 -18.54 0.35 44.30
C GLY E 120 -18.07 0.83 45.67
N THR E 121 -16.91 1.49 45.68
CA THR E 121 -16.33 2.07 46.87
C THR E 121 -15.89 3.50 46.56
N LEU E 122 -16.10 4.39 47.52
CA LEU E 122 -15.81 5.81 47.36
C LEU E 122 -14.63 6.19 48.23
N VAL E 123 -13.66 6.88 47.64
CA VAL E 123 -12.45 7.34 48.34
C VAL E 123 -12.50 8.86 48.40
N THR E 124 -12.61 9.40 49.61
CA THR E 124 -12.70 10.84 49.80
C THR E 124 -12.08 11.19 51.15
N VAL E 125 -12.07 12.49 51.45
CA VAL E 125 -11.70 13.01 52.77
C VAL E 125 -12.85 13.89 53.24
N SER E 126 -13.45 13.52 54.37
CA SER E 126 -14.66 14.21 54.83
C SER E 126 -14.39 15.68 55.08
N SER E 127 -15.38 16.50 54.76
CA SER E 127 -15.28 17.94 54.95
C SER E 127 -16.67 18.59 54.95
N ASN F 1 -4.54 6.74 22.58
CA ASN F 1 -4.45 6.20 21.23
C ASN F 1 -5.76 6.37 20.47
N PHE F 2 -6.82 5.78 20.99
CA PHE F 2 -8.12 5.78 20.33
C PHE F 2 -9.20 6.05 21.36
N MET F 3 -10.38 6.42 20.87
CA MET F 3 -11.50 6.81 21.72
C MET F 3 -12.77 6.18 21.19
N LEU F 4 -13.82 6.26 22.01
CA LEU F 4 -15.17 5.81 21.64
C LEU F 4 -16.09 7.01 21.79
N THR F 5 -16.21 7.81 20.74
CA THR F 5 -17.04 9.01 20.80
C THR F 5 -18.52 8.63 20.90
N GLN F 6 -19.29 9.50 21.53
CA GLN F 6 -20.70 9.30 21.76
C GLN F 6 -21.45 10.59 21.48
N PRO F 7 -22.75 10.52 21.20
CA PRO F 7 -23.54 11.75 21.03
C PRO F 7 -23.63 12.54 22.33
N HIS F 8 -23.85 13.85 22.18
CA HIS F 8 -23.78 14.75 23.32
C HIS F 8 -24.77 14.35 24.41
N SER F 9 -26.05 14.45 24.12
CA SER F 9 -27.08 14.14 25.11
C SER F 9 -28.44 14.20 24.43
N VAL F 10 -29.42 13.53 25.05
CA VAL F 10 -30.77 13.42 24.51
C VAL F 10 -31.76 13.70 25.63
N SER F 11 -32.77 14.52 25.33
CA SER F 11 -33.88 14.77 26.24
C SER F 11 -35.18 14.46 25.50
N GLU F 12 -35.99 13.58 26.09
CA GLU F 12 -37.18 13.07 25.42
C GLU F 12 -38.32 13.01 26.43
N SER F 13 -39.44 12.43 26.01
CA SER F 13 -40.63 12.24 26.83
C SER F 13 -41.03 10.77 26.78
N PRO F 14 -41.79 10.31 27.77
CA PRO F 14 -42.19 8.90 27.78
C PRO F 14 -42.92 8.52 26.50
N GLY F 15 -42.69 7.29 26.05
CA GLY F 15 -43.29 6.80 24.82
C GLY F 15 -42.49 7.09 23.57
N LYS F 16 -41.38 7.82 23.68
CA LYS F 16 -40.54 8.13 22.53
C LYS F 16 -39.61 6.96 22.22
N THR F 17 -38.87 7.10 21.12
CA THR F 17 -37.88 6.11 20.70
C THR F 17 -36.60 6.83 20.33
N VAL F 18 -35.46 6.30 20.80
CA VAL F 18 -34.16 6.91 20.56
C VAL F 18 -33.17 5.83 20.13
N THR F 19 -32.08 6.29 19.52
CA THR F 19 -30.98 5.43 19.08
C THR F 19 -29.68 6.08 19.54
N ILE F 20 -29.10 5.56 20.60
CA ILE F 20 -27.83 6.05 21.13
C ILE F 20 -26.70 5.39 20.37
N SER F 21 -25.76 6.19 19.89
CA SER F 21 -24.66 5.70 19.05
C SER F 21 -23.34 5.76 19.81
N CYS F 22 -22.35 5.07 19.26
CA CYS F 22 -20.99 5.06 19.82
C CYS F 22 -20.04 4.69 18.70
N THR F 23 -19.15 5.60 18.34
CA THR F 23 -18.28 5.44 17.18
C THR F 23 -16.89 4.99 17.64
N ARG F 24 -16.50 3.79 17.22
CA ARG F 24 -15.15 3.31 17.48
C ARG F 24 -14.15 4.07 16.60
N SER F 25 -12.91 4.12 17.07
CA SER F 25 -11.87 4.91 16.42
C SER F 25 -10.60 4.16 16.08
N SER F 26 -10.42 2.92 16.56
CA SER F 26 -9.23 2.17 16.21
C SER F 26 -9.50 0.68 16.38
N GLY F 27 -8.64 -0.13 15.79
CA GLY F 27 -8.82 -1.56 15.76
C GLY F 27 -9.97 -1.95 14.84
N SER F 28 -9.92 -3.16 14.30
CA SER F 28 -10.98 -3.61 13.41
C SER F 28 -12.27 -3.75 14.20
N ILE F 29 -13.29 -2.98 13.81
CA ILE F 29 -14.56 -2.99 14.54
C ILE F 29 -15.14 -4.39 14.57
N ALA F 30 -15.05 -5.12 13.45
CA ALA F 30 -15.65 -6.44 13.36
C ALA F 30 -14.95 -7.47 14.23
N SER F 31 -13.74 -7.18 14.74
CA SER F 31 -13.02 -8.15 15.54
C SER F 31 -13.50 -8.15 16.99
N SER F 32 -13.36 -7.02 17.67
CA SER F 32 -13.84 -6.88 19.04
C SER F 32 -15.30 -6.47 19.03
N TYR F 33 -15.97 -6.68 20.16
CA TYR F 33 -17.40 -6.41 20.29
C TYR F 33 -17.64 -5.31 21.31
N VAL F 34 -18.44 -4.32 20.92
CA VAL F 34 -18.76 -3.21 21.81
C VAL F 34 -19.88 -3.62 22.76
N GLN F 35 -20.01 -2.87 23.85
CA GLN F 35 -20.93 -3.19 24.93
C GLN F 35 -21.69 -1.93 25.32
N TRP F 36 -22.59 -2.06 26.29
CA TRP F 36 -23.31 -0.92 26.84
C TRP F 36 -23.50 -1.13 28.33
N TYR F 37 -23.41 -0.05 29.10
CA TYR F 37 -23.56 -0.10 30.54
C TYR F 37 -24.38 1.08 31.02
N GLN F 38 -25.36 0.80 31.88
CA GLN F 38 -26.30 1.79 32.37
C GLN F 38 -25.96 2.13 33.81
N GLN F 39 -25.84 3.42 34.11
CA GLN F 39 -25.58 3.92 35.45
C GLN F 39 -26.68 4.89 35.82
N ARG F 40 -27.65 4.43 36.60
CA ARG F 40 -28.69 5.30 37.10
C ARG F 40 -28.11 6.24 38.15
N PRO F 41 -28.75 7.39 38.37
CA PRO F 41 -28.21 8.35 39.36
C PRO F 41 -27.94 7.72 40.70
N GLY F 42 -26.71 7.89 41.21
CA GLY F 42 -26.35 7.30 42.48
C GLY F 42 -26.42 5.80 42.51
N SER F 43 -25.97 5.13 41.45
CA SER F 43 -26.02 3.68 41.36
C SER F 43 -24.77 3.17 40.64
N SER F 44 -24.45 1.90 40.87
CA SER F 44 -23.29 1.28 40.27
C SER F 44 -23.55 0.93 38.81
N PRO F 45 -22.49 0.76 38.01
CA PRO F 45 -22.69 0.34 36.62
C PRO F 45 -23.32 -1.03 36.52
N THR F 46 -24.08 -1.24 35.45
CA THR F 46 -24.68 -2.53 35.15
C THR F 46 -24.47 -2.84 33.67
N THR F 47 -24.45 -4.12 33.35
CA THR F 47 -24.24 -4.59 31.98
C THR F 47 -25.58 -4.84 31.31
N VAL F 48 -25.76 -4.29 30.11
CA VAL F 48 -27.04 -4.39 29.42
C VAL F 48 -26.88 -5.02 28.04
N ILE F 49 -25.70 -4.88 27.43
CA ILE F 49 -25.45 -5.41 26.10
C ILE F 49 -23.97 -5.67 25.95
N TYR F 50 -23.64 -6.74 25.23
CA TYR F 50 -22.27 -7.03 24.82
C TYR F 50 -22.32 -8.11 23.75
N GLU F 51 -21.19 -8.32 23.10
CA GLU F 51 -21.01 -9.25 21.99
C GLU F 51 -21.76 -8.81 20.74
N ASP F 52 -22.50 -7.70 20.79
CA ASP F 52 -23.28 -7.17 19.68
C ASP F 52 -24.55 -7.98 19.45
N ASN F 53 -24.64 -9.17 20.04
CA ASN F 53 -25.83 -10.00 19.87
C ASN F 53 -26.28 -10.74 21.12
N GLN F 54 -25.66 -10.53 22.28
CA GLN F 54 -26.04 -11.21 23.50
C GLN F 54 -26.46 -10.20 24.56
N ARG F 55 -27.56 -10.50 25.25
CA ARG F 55 -28.14 -9.64 26.26
C ARG F 55 -28.08 -10.32 27.62
N PRO F 56 -27.74 -9.58 28.69
CA PRO F 56 -27.59 -10.20 30.00
C PRO F 56 -28.93 -10.34 30.72
N SER F 57 -28.88 -10.98 31.88
CA SER F 57 -30.10 -11.25 32.64
C SER F 57 -30.70 -9.95 33.16
N GLY F 58 -32.03 -9.92 33.22
CA GLY F 58 -32.74 -8.81 33.81
C GLY F 58 -32.92 -7.60 32.93
N VAL F 59 -32.53 -7.66 31.67
CA VAL F 59 -32.65 -6.54 30.74
C VAL F 59 -33.95 -6.70 29.96
N PRO F 60 -34.91 -5.78 30.07
CA PRO F 60 -36.11 -5.88 29.25
C PRO F 60 -35.78 -5.82 27.77
N ASP F 61 -36.59 -6.51 26.96
CA ASP F 61 -36.38 -6.55 25.52
C ASP F 61 -36.50 -5.17 24.87
N ARG F 62 -36.95 -4.15 25.61
CA ARG F 62 -37.04 -2.82 25.03
C ARG F 62 -35.70 -2.29 24.56
N PHE F 63 -34.60 -2.82 25.06
CA PHE F 63 -33.26 -2.40 24.68
C PHE F 63 -32.65 -3.45 23.77
N SER F 64 -32.12 -3.01 22.63
CA SER F 64 -31.52 -3.90 21.65
C SER F 64 -30.27 -3.27 21.07
N GLY F 65 -29.23 -4.08 20.90
CA GLY F 65 -27.97 -3.62 20.35
C GLY F 65 -27.85 -3.95 18.88
N SER F 66 -27.12 -3.08 18.16
CA SER F 66 -26.89 -3.27 16.74
C SER F 66 -25.62 -2.55 16.36
N ILE F 67 -25.07 -2.91 15.20
CA ILE F 67 -23.79 -2.40 14.74
C ILE F 67 -23.88 -2.02 13.27
N ASP F 68 -22.95 -1.19 12.83
CA ASP F 68 -22.77 -0.83 11.43
C ASP F 68 -21.29 -1.01 11.10
N SER F 69 -20.96 -2.10 10.41
CA SER F 69 -19.55 -2.43 10.19
C SER F 69 -18.83 -1.34 9.42
N SER F 70 -19.46 -0.80 8.38
CA SER F 70 -18.78 0.14 7.50
C SER F 70 -18.41 1.42 8.25
N SER F 71 -19.30 1.93 9.09
CA SER F 71 -19.09 3.19 9.79
C SER F 71 -18.41 3.02 11.14
N ASN F 72 -18.15 1.79 11.57
CA ASN F 72 -17.49 1.53 12.85
C ASN F 72 -18.27 2.15 14.00
N SER F 73 -19.59 2.07 13.95
CA SER F 73 -20.45 2.68 14.96
C SER F 73 -21.41 1.62 15.49
N ALA F 74 -21.61 1.62 16.80
CA ALA F 74 -22.56 0.74 17.46
C ALA F 74 -23.74 1.56 17.96
N SER F 75 -24.93 0.97 17.90
CA SER F 75 -26.17 1.67 18.22
C SER F 75 -26.93 0.91 19.30
N LEU F 76 -27.68 1.67 20.10
CA LEU F 76 -28.57 1.12 21.12
C LEU F 76 -29.92 1.80 20.97
N ILE F 77 -30.94 1.04 20.60
CA ILE F 77 -32.27 1.57 20.31
C ILE F 77 -33.18 1.23 21.49
N ILE F 78 -33.87 2.23 22.00
CA ILE F 78 -34.86 2.06 23.06
C ILE F 78 -36.21 2.49 22.49
N SER F 79 -37.15 1.55 22.45
CA SER F 79 -38.48 1.79 21.92
C SER F 79 -39.47 1.91 23.07
N GLY F 80 -40.26 2.97 23.08
CA GLY F 80 -41.18 3.20 24.18
C GLY F 80 -40.45 3.57 25.45
N LEU F 81 -39.84 4.75 25.45
CA LEU F 81 -39.05 5.18 26.60
C LEU F 81 -39.91 5.24 27.86
N LYS F 82 -39.25 5.11 29.00
CA LYS F 82 -39.91 5.18 30.30
C LYS F 82 -39.18 6.19 31.17
N THR F 83 -39.91 6.72 32.16
CA THR F 83 -39.31 7.69 33.07
C THR F 83 -38.16 7.09 33.86
N GLU F 84 -38.17 5.77 34.05
CA GLU F 84 -37.12 5.10 34.81
C GLU F 84 -35.88 4.78 33.97
N ASP F 85 -35.89 5.13 32.68
CA ASP F 85 -34.70 5.02 31.85
C ASP F 85 -33.71 6.15 32.10
N GLU F 86 -34.04 7.08 33.00
CA GLU F 86 -33.16 8.19 33.33
C GLU F 86 -31.82 7.67 33.83
N ALA F 87 -30.75 7.87 33.07
CA ALA F 87 -29.44 7.39 33.48
C ALA F 87 -28.36 7.78 32.49
N ASP F 88 -27.10 7.48 32.81
CA ASP F 88 -25.98 7.61 31.90
C ASP F 88 -25.68 6.26 31.27
N TYR F 89 -25.35 6.26 29.98
CA TYR F 89 -25.04 5.04 29.25
C TYR F 89 -23.65 5.14 28.66
N TYR F 90 -22.82 4.13 28.93
CA TYR F 90 -21.45 4.08 28.45
C TYR F 90 -21.28 2.90 27.51
N CYS F 91 -20.58 3.10 26.41
CA CYS F 91 -20.25 2.04 25.47
C CYS F 91 -18.84 1.57 25.75
N GLN F 92 -18.70 0.27 26.02
CA GLN F 92 -17.44 -0.33 26.42
C GLN F 92 -16.98 -1.34 25.38
N SER F 93 -15.67 -1.52 25.28
CA SER F 93 -15.07 -2.41 24.30
C SER F 93 -13.93 -3.18 24.93
N TYR F 94 -13.46 -4.21 24.23
CA TYR F 94 -12.25 -4.93 24.58
C TYR F 94 -11.53 -5.26 23.28
N ASP F 95 -10.48 -4.52 22.97
CA ASP F 95 -9.91 -4.55 21.62
C ASP F 95 -9.16 -5.84 21.35
N SER F 96 -8.03 -6.05 22.03
CA SER F 96 -7.41 -7.37 22.11
C SER F 96 -6.88 -7.71 23.50
N SER F 97 -6.55 -6.72 24.33
CA SER F 97 -5.97 -6.98 25.65
C SER F 97 -6.52 -6.10 26.77
N ASN F 98 -7.25 -5.03 26.46
CA ASN F 98 -7.68 -4.09 27.49
C ASN F 98 -9.03 -3.51 27.15
N GLN F 99 -9.68 -2.94 28.16
CA GLN F 99 -11.00 -2.33 28.02
C GLN F 99 -10.88 -0.82 27.95
N VAL F 100 -11.67 -0.21 27.07
CA VAL F 100 -11.69 1.24 26.88
C VAL F 100 -13.15 1.69 26.95
N PHE F 101 -13.43 2.65 27.82
CA PHE F 101 -14.77 3.17 28.01
C PHE F 101 -15.00 4.39 27.11
N GLY F 102 -16.28 4.72 26.91
CA GLY F 102 -16.65 5.87 26.10
C GLY F 102 -16.81 7.13 26.93
N GLY F 103 -17.22 8.20 26.25
CA GLY F 103 -17.38 9.49 26.89
C GLY F 103 -18.65 9.63 27.70
N GLY F 104 -19.61 8.74 27.54
CA GLY F 104 -20.84 8.79 28.30
C GLY F 104 -21.89 9.68 27.67
N THR F 105 -23.13 9.20 27.61
CA THR F 105 -24.25 9.96 27.08
C THR F 105 -25.33 10.07 28.15
N LYS F 106 -25.88 11.28 28.30
CA LYS F 106 -26.91 11.55 29.29
C LYS F 106 -28.27 11.57 28.59
N LEU F 107 -29.18 10.72 29.06
CA LEU F 107 -30.51 10.61 28.49
C LEU F 107 -31.53 11.09 29.51
N THR F 108 -32.40 12.01 29.09
CA THR F 108 -33.40 12.60 29.97
C THR F 108 -34.79 12.28 29.44
N VAL F 109 -35.64 11.72 30.29
CA VAL F 109 -37.03 11.41 29.96
C VAL F 109 -37.93 12.18 30.91
N LEU F 110 -38.86 12.93 30.36
CA LEU F 110 -39.74 13.79 31.16
C LEU F 110 -41.00 13.04 31.58
C1 PLM G . -9.90 -3.71 -2.89
O1 PLM G . -9.19 -3.14 -2.03
O2 PLM G . -10.97 -3.28 -3.36
C2 PLM G . -9.38 -5.07 -3.42
C3 PLM G . -9.18 -6.18 -2.38
C4 PLM G . -7.82 -6.16 -1.71
C5 PLM G . -6.68 -6.75 -2.55
C6 PLM G . -6.52 -8.28 -2.48
C7 PLM G . -5.17 -8.78 -2.96
C8 PLM G . -5.10 -10.28 -3.20
C9 PLM G . -5.09 -11.11 -1.93
CA PLM G . -5.66 -12.53 -2.11
CB PLM G . -5.31 -13.50 -1.00
CC PLM G . -5.96 -14.86 -1.18
CD PLM G . -7.38 -14.93 -0.62
CE PLM G . -7.97 -16.34 -0.55
CF PLM G . -9.03 -16.54 0.51
CG PLM G . -9.18 -17.99 0.93
H21 PLM G . -8.55 -4.93 -3.89
H22 PLM G . -10.01 -5.37 -4.08
H31 PLM G . -9.32 -7.04 -2.81
H32 PLM G . -9.89 -6.10 -1.71
H41 PLM G . -7.59 -5.25 -1.46
H42 PLM G . -7.87 -6.65 -0.88
H51 PLM G . -6.81 -6.51 -3.47
H52 PLM G . -5.85 -6.34 -2.27
H61 PLM G . -7.22 -8.68 -3.02
H62 PLM G . -6.69 -8.59 -1.58
H71 PLM G . -4.91 -8.31 -3.77
H72 PLM G . -4.49 -8.53 -2.31
H81 PLM G . -5.86 -10.56 -3.75
H82 PLM G . -4.31 -10.48 -3.74
H91 PLM G . -4.19 -11.18 -1.59
H92 PLM G . -5.61 -10.66 -1.25
HA1 PLM G . -5.32 -12.88 -2.94
HA2 PLM G . -6.61 -12.48 -2.20
HB1 PLM G . -4.35 -13.62 -0.94
HB2 PLM G . -5.58 -13.13 -0.14
HC1 PLM G . -5.41 -15.55 -0.76
HC2 PLM G . -5.99 -15.08 -2.12
HD1 PLM G . -7.37 -14.56 0.29
HD2 PLM G . -7.96 -14.37 -1.14
HE1 PLM G . -7.24 -16.97 -0.40
HE2 PLM G . -8.34 -16.56 -1.41
HF1 PLM G . -9.88 -16.20 0.18
HF2 PLM G . -8.83 -16.00 1.30
HG1 PLM G . -9.84 -18.09 1.63
HG2 PLM G . -9.47 -18.54 0.18
HG3 PLM G . -8.34 -18.35 1.26
#